data_9FW1
#
_entry.id   9FW1
#
_cell.length_a   90.863
_cell.length_b   90.863
_cell.length_c   278.919
_cell.angle_alpha   90.00
_cell.angle_beta   90.00
_cell.angle_gamma   90.00
#
_symmetry.space_group_name_H-M   'P 43 21 2'
#
loop_
_entity.id
_entity.type
_entity.pdbx_description
1 polymer 'UMG-SP3 amidase'
2 non-polymer 'SULFATE ION'
3 non-polymer 'phenylmethanesulfonic acid'
4 water water
#
_entity_poly.entity_id   1
_entity_poly.type   'polypeptide(L)'
_entity_poly.pdbx_seq_one_letter_code
;MSELSAIETAAAIAGGSMTALEACDAAIARIEQRDGPINAVVVRDFDRAREAAKAADGEVAAGVSKPLLGVPMTIKESID
IAGLPTSWGFAEHADHIATADSVVVSRLKAAGAVFLGKTNIPVALADWQSSNPNYGRTNNPHDLTRSAGGSSGGAAAALA
AGMVPLEYGSDIGGSIRVPAHFCGVWGLKTTFDAVSLEGHYLPRTDGARGELGVVGPMARNPQDLALALDLTSRIALPIA
RIDTLNGLRILLLTHHPRAAADSAVVAAVEKAAESCAAQGAQVSTSNADLPDLSKLVSDYTRMLLIVLAQGKAPEGTEPV
SLNAWYGMLDDQARTIRGFDRLFDSFDAIFCPVLGTSAFPHSDEADWGKRTLTIDGADTPFGSQLAWISMATYCGMPALS
MPVGTDANGLPIGLQIITRNWSDHDAVRIGALVADALAA
;
_entity_poly.pdbx_strand_id   A,B
#
# COMPACT_ATOMS: atom_id res chain seq x y z
N SER A 2 23.33 19.14 -21.81
CA SER A 2 23.00 20.56 -21.99
C SER A 2 21.54 20.78 -22.42
N GLU A 3 20.65 19.81 -22.21
CA GLU A 3 19.24 19.97 -22.58
C GLU A 3 18.41 20.44 -21.40
N LEU A 4 17.24 21.01 -21.72
CA LEU A 4 16.33 21.44 -20.68
C LEU A 4 15.71 20.24 -19.97
N SER A 5 15.54 20.39 -18.66
CA SER A 5 14.87 19.39 -17.86
C SER A 5 13.36 19.49 -18.04
N ALA A 6 12.65 18.52 -17.47
CA ALA A 6 11.20 18.56 -17.56
C ALA A 6 10.65 19.76 -16.82
N ILE A 7 11.22 20.05 -15.65
CA ILE A 7 10.74 21.21 -14.92
C ILE A 7 11.12 22.48 -15.66
N GLU A 8 12.36 22.56 -16.17
CA GLU A 8 12.75 23.79 -16.85
C GLU A 8 11.92 24.01 -18.10
N THR A 9 11.69 22.95 -18.88
CA THR A 9 10.82 23.05 -20.05
C THR A 9 9.45 23.63 -19.68
N ALA A 10 8.81 23.06 -18.65
CA ALA A 10 7.46 23.50 -18.31
C ALA A 10 7.46 24.96 -17.92
N ALA A 11 8.49 25.39 -17.17
CA ALA A 11 8.63 26.79 -16.81
C ALA A 11 8.77 27.66 -18.06
N ALA A 12 9.61 27.22 -19.00
CA ALA A 12 9.73 27.90 -20.28
C ALA A 12 8.38 28.03 -20.98
N ILE A 13 7.61 26.95 -21.04
CA ILE A 13 6.33 27.04 -21.76
C ILE A 13 5.38 27.97 -21.01
N ALA A 14 5.43 27.95 -19.67
CA ALA A 14 4.57 28.85 -18.91
C ALA A 14 5.00 30.30 -19.08
N GLY A 15 6.32 30.57 -19.03
CA GLY A 15 6.83 31.95 -19.00
C GLY A 15 6.72 32.70 -20.31
N GLY A 16 6.36 32.01 -21.40
CA GLY A 16 6.32 32.57 -22.73
C GLY A 16 7.48 32.16 -23.62
N SER A 17 8.59 31.66 -23.04
CA SER A 17 9.80 31.43 -23.84
C SER A 17 9.53 30.53 -25.02
N MET A 18 8.60 29.59 -24.88
CA MET A 18 8.30 28.73 -26.01
C MET A 18 6.90 28.19 -25.89
N THR A 19 6.36 27.79 -27.02
CA THR A 19 5.08 27.13 -27.03
C THR A 19 5.27 25.63 -26.86
N ALA A 20 4.25 25.00 -26.27
CA ALA A 20 4.24 23.55 -26.19
C ALA A 20 4.53 22.94 -27.54
N LEU A 21 3.97 23.53 -28.62
CA LEU A 21 4.19 22.97 -29.95
C LEU A 21 5.64 23.13 -30.38
N GLU A 22 6.26 24.27 -30.04
CA GLU A 22 7.70 24.43 -30.30
C GLU A 22 8.50 23.39 -29.51
N ALA A 23 8.18 23.21 -28.23
CA ALA A 23 8.89 22.21 -27.42
C ALA A 23 8.67 20.80 -27.97
N CYS A 24 7.48 20.54 -28.46
CA CYS A 24 7.18 19.23 -29.03
C CYS A 24 7.86 19.02 -30.38
N ASP A 25 8.01 20.07 -31.19
CA ASP A 25 8.78 19.91 -32.43
C ASP A 25 10.28 19.88 -32.13
N ALA A 26 10.75 20.55 -31.09
CA ALA A 26 12.16 20.43 -30.74
C ALA A 26 12.50 18.98 -30.40
N ALA A 27 11.67 18.37 -29.55
CA ALA A 27 11.91 16.99 -29.14
C ALA A 27 11.84 16.06 -30.34
N ILE A 28 10.86 16.26 -31.22
CA ILE A 28 10.80 15.44 -32.42
C ILE A 28 12.10 15.57 -33.20
N ALA A 29 12.63 16.79 -33.27
CA ALA A 29 13.89 17.03 -33.98
C ALA A 29 15.05 16.32 -33.34
N ARG A 30 15.16 16.38 -32.02
CA ARG A 30 16.24 15.67 -31.33
C ARG A 30 16.13 14.18 -31.61
N ILE A 31 14.90 13.67 -31.63
CA ILE A 31 14.69 12.24 -31.86
C ILE A 31 15.07 11.87 -33.28
N GLU A 32 14.65 12.65 -34.27
CA GLU A 32 14.91 12.22 -35.64
C GLU A 32 16.37 12.35 -35.98
N GLN A 33 17.04 13.28 -35.35
CA GLN A 33 18.44 13.51 -35.61
C GLN A 33 19.35 12.60 -34.82
N ARG A 34 18.92 12.12 -33.65
CA ARG A 34 19.80 11.35 -32.80
C ARG A 34 19.47 9.87 -32.67
N ASP A 35 18.29 9.44 -33.03
CA ASP A 35 17.90 8.07 -32.71
C ASP A 35 18.35 7.08 -33.78
N GLY A 36 19.01 7.53 -34.84
CA GLY A 36 19.40 6.63 -35.90
C GLY A 36 20.26 5.48 -35.41
N PRO A 37 21.45 5.79 -34.89
CA PRO A 37 22.31 4.74 -34.35
C PRO A 37 21.89 4.19 -33.00
N ILE A 38 20.95 4.83 -32.30
CA ILE A 38 20.56 4.42 -30.96
C ILE A 38 19.30 3.56 -30.99
N ASN A 39 18.31 3.96 -31.75
CA ASN A 39 17.08 3.20 -31.87
C ASN A 39 16.41 2.98 -30.53
N ALA A 40 16.10 4.07 -29.84
CA ALA A 40 15.47 4.00 -28.54
C ALA A 40 13.97 4.26 -28.58
N VAL A 41 13.54 5.20 -29.42
CA VAL A 41 12.13 5.59 -29.50
C VAL A 41 11.58 4.81 -30.69
N VAL A 42 11.02 3.63 -30.41
CA VAL A 42 10.63 2.72 -31.48
C VAL A 42 9.17 2.77 -31.83
N VAL A 43 8.36 3.48 -31.04
CA VAL A 43 6.94 3.68 -31.33
C VAL A 43 6.75 5.18 -31.32
N ARG A 44 6.35 5.74 -32.45
CA ARG A 44 6.26 7.18 -32.60
C ARG A 44 4.82 7.57 -32.84
N ASP A 45 4.42 8.67 -32.24
CA ASP A 45 3.05 9.17 -32.33
C ASP A 45 3.15 10.68 -32.52
N PHE A 46 4.05 11.06 -33.43
CA PHE A 46 4.38 12.47 -33.59
C PHE A 46 3.18 13.27 -34.06
N ASP A 47 2.27 12.62 -34.78
CA ASP A 47 1.14 13.32 -35.37
C ASP A 47 0.12 13.72 -34.31
N ARG A 48 -0.30 12.78 -33.47
CA ARG A 48 -1.22 13.08 -32.38
C ARG A 48 -0.54 13.89 -31.29
N ALA A 49 0.76 13.67 -31.09
CA ALA A 49 1.48 14.44 -30.08
C ALA A 49 1.43 15.92 -30.41
N ARG A 50 1.65 16.28 -31.68
CA ARG A 50 1.62 17.70 -32.04
C ARG A 50 0.23 18.31 -31.87
N GLU A 51 -0.83 17.50 -32.11
CA GLU A 51 -2.19 18.00 -31.87
C GLU A 51 -2.40 18.27 -30.39
N ALA A 52 -1.95 17.35 -29.54
CA ALA A 52 -2.05 17.55 -28.12
C ALA A 52 -1.18 18.70 -27.64
N ALA A 53 -0.12 19.03 -28.38
CA ALA A 53 0.74 20.13 -27.98
C ALA A 53 0.08 21.46 -28.29
N LYS A 54 -0.51 21.57 -29.49
CA LYS A 54 -1.31 22.73 -29.82
C LYS A 54 -2.39 22.94 -28.77
N ALA A 55 -3.13 21.89 -28.44
CA ALA A 55 -4.08 22.01 -27.34
C ALA A 55 -3.41 22.52 -26.05
N ALA A 56 -2.26 21.95 -25.67
CA ALA A 56 -1.61 22.45 -24.46
C ALA A 56 -1.31 23.93 -24.57
N ASP A 57 -1.13 24.42 -25.79
CA ASP A 57 -0.94 25.86 -25.97
C ASP A 57 -2.23 26.64 -25.76
N GLY A 58 -3.37 26.05 -26.12
CA GLY A 58 -4.62 26.72 -25.84
C GLY A 58 -4.89 26.86 -24.36
N GLU A 59 -4.53 25.84 -23.57
CA GLU A 59 -4.66 25.96 -22.12
C GLU A 59 -3.75 27.07 -21.60
N VAL A 60 -2.50 27.09 -22.04
CA VAL A 60 -1.57 28.09 -21.55
C VAL A 60 -2.14 29.49 -21.74
N ALA A 61 -2.57 29.80 -22.98
CA ALA A 61 -3.10 31.12 -23.33
C ALA A 61 -4.44 31.41 -22.68
N ALA A 62 -5.12 30.40 -22.16
CA ALA A 62 -6.35 30.60 -21.40
C ALA A 62 -6.09 30.77 -19.90
N GLY A 63 -4.83 30.99 -19.50
CA GLY A 63 -4.49 31.21 -18.10
C GLY A 63 -4.18 29.97 -17.31
N VAL A 64 -4.26 28.80 -17.92
CA VAL A 64 -4.08 27.54 -17.21
C VAL A 64 -2.59 27.25 -17.06
N SER A 65 -2.23 26.68 -15.91
CA SER A 65 -0.90 26.15 -15.70
C SER A 65 -0.99 24.82 -14.95
N LYS A 66 -0.06 23.91 -15.25
CA LYS A 66 0.03 22.61 -14.60
C LYS A 66 1.50 22.22 -14.60
N PRO A 67 1.92 21.37 -13.67
CA PRO A 67 3.37 21.21 -13.40
C PRO A 67 4.17 20.64 -14.58
N LEU A 68 3.51 20.03 -15.59
CA LEU A 68 4.22 19.53 -16.76
C LEU A 68 3.54 19.93 -18.07
N LEU A 69 2.84 21.08 -18.10
CA LEU A 69 2.03 21.45 -19.26
C LEU A 69 2.89 21.58 -20.52
N GLY A 70 2.53 20.83 -21.54
CA GLY A 70 3.26 20.84 -22.80
C GLY A 70 4.51 20.02 -22.81
N VAL A 71 4.96 19.54 -21.64
CA VAL A 71 6.25 18.87 -21.61
C VAL A 71 6.22 17.59 -22.42
N PRO A 72 7.04 17.51 -23.48
CA PRO A 72 7.15 16.26 -24.22
C PRO A 72 7.92 15.21 -23.44
N MET A 73 7.44 13.98 -23.53
CA MET A 73 8.14 12.85 -22.93
C MET A 73 7.71 11.61 -23.67
N THR A 74 8.37 10.51 -23.36
CA THR A 74 8.06 9.19 -23.88
C THR A 74 7.78 8.29 -22.68
N ILE A 75 7.31 7.07 -22.96
CA ILE A 75 7.12 6.08 -21.91
C ILE A 75 7.58 4.72 -22.42
N LYS A 76 7.76 3.79 -21.49
CA LYS A 76 8.19 2.44 -21.83
C LYS A 76 7.14 1.70 -22.63
N GLU A 77 7.59 0.90 -23.61
CA GLU A 77 6.64 0.30 -24.55
C GLU A 77 5.65 -0.62 -23.84
N SER A 78 6.02 -1.20 -22.69
CA SER A 78 5.12 -2.08 -21.94
C SER A 78 3.99 -1.36 -21.22
N ILE A 79 4.02 -0.03 -21.09
CA ILE A 79 2.95 0.74 -20.46
C ILE A 79 1.98 1.26 -21.51
N ASP A 80 0.69 1.01 -21.32
CA ASP A 80 -0.30 1.34 -22.32
C ASP A 80 -0.41 2.85 -22.53
N ILE A 81 -0.49 3.25 -23.80
CA ILE A 81 -1.05 4.53 -24.20
C ILE A 81 -2.21 4.25 -25.15
N ALA A 82 -3.30 4.95 -24.96
CA ALA A 82 -4.48 4.68 -25.77
C ALA A 82 -4.13 4.93 -27.23
N GLY A 83 -4.45 3.96 -28.09
CA GLY A 83 -4.12 4.05 -29.49
C GLY A 83 -2.78 3.50 -29.91
N LEU A 84 -1.94 3.04 -28.98
CA LEU A 84 -0.59 2.66 -29.36
C LEU A 84 -0.34 1.20 -29.05
N PRO A 85 0.57 0.56 -29.77
CA PRO A 85 0.82 -0.84 -29.49
C PRO A 85 1.47 -0.97 -28.13
N THR A 86 1.28 -2.15 -27.58
CA THR A 86 1.88 -2.60 -26.34
C THR A 86 2.17 -4.07 -26.59
N SER A 87 3.36 -4.38 -27.09
CA SER A 87 3.71 -5.75 -27.43
C SER A 87 4.63 -6.41 -26.44
N TRP A 88 5.31 -5.65 -25.59
CA TRP A 88 6.35 -6.23 -24.74
C TRP A 88 7.34 -7.03 -25.56
N GLY A 89 7.48 -6.70 -26.85
CA GLY A 89 8.50 -7.28 -27.70
C GLY A 89 8.16 -8.64 -28.28
N PHE A 90 6.92 -9.07 -28.14
CA PHE A 90 6.46 -10.32 -28.72
C PHE A 90 6.01 -10.07 -30.17
N ALA A 91 6.55 -10.86 -31.09
CA ALA A 91 6.03 -10.80 -32.44
C ALA A 91 4.51 -11.03 -32.45
N GLU A 92 4.02 -11.97 -31.63
CA GLU A 92 2.59 -12.29 -31.68
C GLU A 92 1.71 -11.13 -31.23
N HIS A 93 2.27 -10.12 -30.57
CA HIS A 93 1.50 -8.99 -30.06
C HIS A 93 1.93 -7.66 -30.68
N ALA A 94 2.66 -7.69 -31.81
CA ALA A 94 3.05 -6.43 -32.45
C ALA A 94 1.85 -5.53 -32.71
N ASP A 95 0.70 -6.13 -32.98
CA ASP A 95 -0.52 -5.40 -33.33
C ASP A 95 -1.51 -5.33 -32.17
N HIS A 96 -1.10 -5.71 -30.96
CA HIS A 96 -1.95 -5.47 -29.80
C HIS A 96 -1.97 -3.97 -29.53
N ILE A 97 -3.13 -3.33 -29.67
CA ILE A 97 -3.25 -1.88 -29.59
C ILE A 97 -4.04 -1.54 -28.34
N ALA A 98 -3.41 -0.79 -27.44
CA ALA A 98 -4.03 -0.49 -26.17
C ALA A 98 -5.27 0.35 -26.38
N THR A 99 -6.29 0.03 -25.63
CA THR A 99 -7.54 0.78 -25.69
C THR A 99 -7.57 1.96 -24.73
N ALA A 100 -6.84 1.92 -23.63
CA ALA A 100 -6.94 3.02 -22.67
C ALA A 100 -5.59 3.30 -22.04
N ASP A 101 -5.36 4.58 -21.77
CA ASP A 101 -4.15 4.99 -21.10
C ASP A 101 -4.00 4.23 -19.78
N SER A 102 -2.78 3.81 -19.47
CA SER A 102 -2.47 3.29 -18.15
C SER A 102 -2.72 4.38 -17.12
N VAL A 103 -2.75 3.98 -15.85
CA VAL A 103 -2.91 4.97 -14.79
C VAL A 103 -1.73 5.95 -14.81
N VAL A 104 -0.50 5.44 -14.83
CA VAL A 104 0.63 6.36 -14.79
C VAL A 104 0.53 7.38 -15.91
N VAL A 105 0.13 6.93 -17.09
CA VAL A 105 0.08 7.81 -18.26
C VAL A 105 -1.04 8.82 -18.08
N SER A 106 -2.18 8.35 -17.59
CA SER A 106 -3.30 9.23 -17.30
C SER A 106 -2.94 10.28 -16.26
N ARG A 107 -2.20 9.90 -15.24
CA ARG A 107 -1.75 10.87 -14.23
C ARG A 107 -0.86 11.94 -14.86
N LEU A 108 0.11 11.53 -15.66
CA LEU A 108 1.04 12.51 -16.24
C LEU A 108 0.35 13.37 -17.28
N LYS A 109 -0.52 12.80 -18.12
CA LYS A 109 -1.33 13.61 -19.03
C LYS A 109 -2.22 14.59 -18.27
N ALA A 110 -2.63 14.25 -17.05
CA ALA A 110 -3.41 15.18 -16.26
C ALA A 110 -2.55 16.32 -15.73
N ALA A 111 -1.26 16.07 -15.55
CA ALA A 111 -0.31 17.12 -15.22
C ALA A 111 0.09 17.98 -16.41
N GLY A 112 -0.42 17.66 -17.59
CA GLY A 112 -0.15 18.44 -18.78
C GLY A 112 0.89 17.88 -19.71
N ALA A 113 1.46 16.71 -19.42
CA ALA A 113 2.54 16.21 -20.25
C ALA A 113 2.03 15.72 -21.61
N VAL A 114 2.94 15.66 -22.59
CA VAL A 114 2.61 15.26 -23.95
C VAL A 114 3.45 14.05 -24.34
N PHE A 115 2.80 12.98 -24.78
CA PHE A 115 3.50 11.74 -25.06
C PHE A 115 3.83 11.64 -26.55
N LEU A 116 5.11 11.68 -26.85
CA LEU A 116 5.58 11.60 -28.23
C LEU A 116 5.62 10.18 -28.75
N GLY A 117 5.80 9.20 -27.87
CA GLY A 117 5.98 7.83 -28.33
C GLY A 117 6.40 6.94 -27.18
N LYS A 118 6.93 5.77 -27.51
CA LYS A 118 7.31 4.79 -26.49
C LYS A 118 8.69 4.26 -26.81
N THR A 119 9.34 3.66 -25.81
CA THR A 119 10.74 3.31 -25.91
C THR A 119 10.99 1.81 -25.83
N ASN A 120 12.13 1.39 -26.38
CA ASN A 120 12.35 0.00 -26.69
C ASN A 120 12.58 -0.83 -25.44
N ILE A 121 12.34 -2.13 -25.59
CA ILE A 121 12.30 -3.08 -24.49
C ILE A 121 12.80 -4.42 -25.01
N PRO A 122 13.24 -5.33 -24.14
CA PRO A 122 13.57 -6.68 -24.58
C PRO A 122 12.33 -7.57 -24.58
N VAL A 123 12.49 -8.74 -25.21
CA VAL A 123 11.35 -9.62 -25.36
C VAL A 123 10.89 -10.10 -23.99
N ALA A 124 9.60 -9.94 -23.72
CA ALA A 124 8.99 -10.27 -22.43
C ALA A 124 9.62 -9.51 -21.27
N LEU A 125 10.29 -8.39 -21.50
CA LEU A 125 10.86 -7.61 -20.41
C LEU A 125 11.78 -8.46 -19.55
N ALA A 126 12.51 -9.37 -20.18
CA ALA A 126 13.28 -10.38 -19.49
C ALA A 126 14.77 -10.36 -19.82
N ASP A 127 15.34 -9.17 -19.98
CA ASP A 127 16.77 -9.07 -20.18
C ASP A 127 17.29 -7.73 -19.67
N TRP A 128 18.61 -7.68 -19.44
CA TRP A 128 19.33 -6.44 -19.22
C TRP A 128 19.86 -5.86 -20.54
N GLN A 129 19.14 -6.09 -21.63
CA GLN A 129 19.34 -5.43 -22.91
C GLN A 129 17.98 -5.05 -23.47
N SER A 130 17.96 -4.43 -24.63
CA SER A 130 16.67 -4.02 -25.20
C SER A 130 16.69 -4.36 -26.69
N SER A 131 16.27 -5.56 -27.00
CA SER A 131 16.30 -6.08 -28.35
C SER A 131 15.07 -6.93 -28.52
N ASN A 132 14.47 -6.88 -29.70
CA ASN A 132 13.32 -7.74 -29.96
C ASN A 132 13.02 -7.74 -31.44
N PRO A 133 12.21 -8.68 -31.93
CA PRO A 133 11.96 -8.79 -33.37
C PRO A 133 11.01 -7.74 -33.94
N ASN A 134 10.36 -6.94 -33.11
CA ASN A 134 9.39 -5.98 -33.64
C ASN A 134 10.01 -4.65 -33.99
N TYR A 135 11.03 -4.26 -33.24
CA TYR A 135 11.64 -2.96 -33.33
C TYR A 135 13.16 -3.00 -33.49
N GLY A 136 13.83 -4.08 -33.13
CA GLY A 136 15.28 -4.17 -33.25
C GLY A 136 15.95 -3.94 -31.90
N ARG A 137 17.23 -3.52 -31.98
CA ARG A 137 18.06 -3.38 -30.78
C ARG A 137 18.32 -1.92 -30.43
N THR A 138 18.43 -1.63 -29.12
CA THR A 138 18.78 -0.30 -28.63
C THR A 138 20.24 -0.29 -28.19
N ASN A 139 20.96 0.77 -28.56
CA ASN A 139 22.39 0.84 -28.30
C ASN A 139 22.73 1.94 -27.32
N ASN A 140 23.70 1.69 -26.47
CA ASN A 140 24.12 2.66 -25.47
C ASN A 140 24.68 3.91 -26.13
N PRO A 141 24.15 5.10 -25.84
CA PRO A 141 24.71 6.30 -26.48
C PRO A 141 26.15 6.55 -26.13
N HIS A 142 26.66 6.06 -25.00
CA HIS A 142 28.04 6.25 -24.61
C HIS A 142 29.01 5.32 -25.32
N ASP A 143 28.52 4.21 -25.83
CA ASP A 143 29.34 3.28 -26.63
C ASP A 143 28.35 2.42 -27.39
N LEU A 144 28.22 2.64 -28.69
CA LEU A 144 27.13 1.97 -29.40
C LEU A 144 27.31 0.46 -29.48
N THR A 145 28.49 -0.05 -29.14
CA THR A 145 28.70 -1.48 -29.16
C THR A 145 28.26 -2.18 -27.88
N ARG A 146 27.71 -1.45 -26.91
CA ARG A 146 27.39 -2.00 -25.59
C ARG A 146 25.91 -1.83 -25.28
N SER A 147 25.44 -2.68 -24.37
CA SER A 147 24.02 -2.75 -24.07
C SER A 147 23.51 -1.47 -23.46
N ALA A 148 22.28 -1.08 -23.84
CA ALA A 148 21.65 0.04 -23.18
C ALA A 148 21.02 -0.37 -21.88
N GLY A 149 21.12 -1.65 -21.58
CA GLY A 149 20.46 -2.21 -20.42
C GLY A 149 19.06 -2.61 -20.77
N GLY A 150 18.38 -3.15 -19.76
CA GLY A 150 16.98 -3.49 -19.94
C GLY A 150 16.39 -3.78 -18.59
N SER A 151 15.07 -3.89 -18.57
CA SER A 151 14.23 -3.84 -19.73
C SER A 151 13.78 -2.45 -20.10
N SER A 152 14.02 -1.45 -19.24
CA SER A 152 13.75 -0.07 -19.63
C SER A 152 14.91 0.55 -20.37
N GLY A 153 15.51 -0.17 -21.31
CA GLY A 153 16.77 0.30 -21.89
C GLY A 153 16.59 1.43 -22.85
N GLY A 154 15.49 1.45 -23.59
CA GLY A 154 15.32 2.54 -24.52
C GLY A 154 15.01 3.83 -23.81
N ALA A 155 14.38 3.74 -22.64
CA ALA A 155 14.12 4.92 -21.84
C ALA A 155 15.42 5.52 -21.36
N ALA A 156 16.31 4.68 -20.83
CA ALA A 156 17.58 5.21 -20.36
C ALA A 156 18.38 5.78 -21.53
N ALA A 157 18.30 5.17 -22.72
CA ALA A 157 19.07 5.69 -23.85
C ALA A 157 18.52 7.03 -24.35
N ALA A 158 17.19 7.13 -24.45
CA ALA A 158 16.55 8.38 -24.83
C ALA A 158 16.84 9.51 -23.86
N LEU A 159 16.89 9.22 -22.57
CA LEU A 159 17.28 10.26 -21.62
C LEU A 159 18.73 10.60 -21.81
N ALA A 160 19.57 9.58 -22.02
CA ALA A 160 21.00 9.84 -22.05
C ALA A 160 21.39 10.65 -23.25
N ALA A 161 20.69 10.46 -24.37
CA ALA A 161 20.99 11.16 -25.62
C ALA A 161 20.27 12.49 -25.70
N GLY A 162 19.59 12.90 -24.63
CA GLY A 162 18.96 14.19 -24.57
C GLY A 162 17.66 14.30 -25.31
N MET A 163 17.11 13.20 -25.79
CA MET A 163 15.93 13.27 -26.65
C MET A 163 14.71 13.80 -25.91
N VAL A 164 14.44 13.30 -24.71
CA VAL A 164 13.36 13.85 -23.87
C VAL A 164 13.86 13.95 -22.44
N PRO A 165 13.18 14.74 -21.62
CA PRO A 165 13.65 14.98 -20.25
C PRO A 165 13.11 14.03 -19.21
N LEU A 166 12.01 13.37 -19.53
CA LEU A 166 11.37 12.50 -18.56
C LEU A 166 10.94 11.20 -19.21
N GLU A 167 10.89 10.14 -18.40
CA GLU A 167 10.55 8.81 -18.86
C GLU A 167 9.97 8.08 -17.67
N TYR A 168 9.47 6.89 -17.90
CA TYR A 168 8.88 6.11 -16.83
C TYR A 168 9.06 4.65 -17.21
N GLY A 169 9.44 3.83 -16.23
CA GLY A 169 9.87 2.47 -16.49
C GLY A 169 9.34 1.46 -15.50
N SER A 170 9.80 0.20 -15.59
CA SER A 170 9.33 -0.89 -14.74
C SER A 170 10.53 -1.70 -14.27
N ASP A 171 10.41 -2.33 -13.09
CA ASP A 171 11.56 -3.02 -12.46
C ASP A 171 11.07 -4.21 -11.64
N ILE A 172 11.49 -5.41 -12.01
CA ILE A 172 11.32 -6.61 -11.18
C ILE A 172 12.63 -7.34 -10.97
N GLY A 173 13.63 -7.10 -11.79
CA GLY A 173 14.91 -7.74 -11.64
C GLY A 173 15.97 -6.71 -12.00
N GLY A 174 15.70 -5.45 -11.64
CA GLY A 174 16.63 -4.34 -11.92
C GLY A 174 16.35 -3.47 -13.13
N SER A 175 15.24 -3.67 -13.80
CA SER A 175 15.00 -2.97 -15.06
C SER A 175 14.78 -1.47 -15.09
N ILE A 176 14.88 -0.78 -13.95
CA ILE A 176 14.95 0.69 -13.93
C ILE A 176 16.38 1.06 -13.56
N ARG A 177 16.85 0.40 -12.50
CA ARG A 177 18.16 0.72 -11.95
C ARG A 177 19.29 0.37 -12.90
N VAL A 178 19.18 -0.75 -13.61
CA VAL A 178 20.28 -1.22 -14.46
C VAL A 178 20.44 -0.36 -15.71
N PRO A 179 19.39 -0.10 -16.49
CA PRO A 179 19.57 0.86 -17.60
C PRO A 179 20.02 2.22 -17.14
N ALA A 180 19.49 2.70 -16.02
CA ALA A 180 19.93 4.00 -15.52
C ALA A 180 21.42 3.99 -15.23
N HIS A 181 21.91 2.87 -14.70
CA HIS A 181 23.33 2.72 -14.39
C HIS A 181 24.17 2.61 -15.65
N PHE A 182 23.73 1.78 -16.61
CA PHE A 182 24.49 1.60 -17.84
C PHE A 182 24.56 2.88 -18.67
N CYS A 183 23.52 3.70 -18.65
CA CYS A 183 23.47 4.86 -19.54
C CYS A 183 23.82 6.17 -18.85
N GLY A 184 24.03 6.14 -17.54
CA GLY A 184 24.43 7.34 -16.86
C GLY A 184 23.30 8.31 -16.55
N VAL A 185 22.09 7.80 -16.33
CA VAL A 185 20.97 8.66 -15.96
C VAL A 185 20.41 8.24 -14.62
N TRP A 186 19.32 8.90 -14.19
CA TRP A 186 18.74 8.69 -12.87
C TRP A 186 17.47 7.85 -12.95
N GLY A 187 17.42 6.78 -12.19
CA GLY A 187 16.24 5.92 -12.16
C GLY A 187 15.86 5.53 -10.74
N LEU A 188 14.56 5.58 -10.48
CA LEU A 188 14.05 5.27 -9.15
C LEU A 188 13.12 4.05 -9.17
N LYS A 189 13.60 2.94 -8.62
CA LYS A 189 12.75 1.82 -8.23
C LYS A 189 11.94 2.28 -7.02
N THR A 190 10.63 2.38 -7.15
CA THR A 190 9.85 2.90 -6.03
C THR A 190 9.49 1.78 -5.03
N THR A 191 9.04 2.20 -3.85
CA THR A 191 8.51 1.25 -2.88
C THR A 191 7.43 0.38 -3.49
N PHE A 192 7.42 -0.90 -3.10
CA PHE A 192 6.44 -1.81 -3.65
C PHE A 192 5.05 -1.36 -3.28
N ASP A 193 4.17 -1.31 -4.28
CA ASP A 193 2.76 -0.96 -4.22
C ASP A 193 2.51 0.54 -4.12
N ALA A 194 3.52 1.39 -4.26
CA ALA A 194 3.33 2.83 -4.12
C ALA A 194 2.76 3.50 -5.36
N VAL A 195 2.99 2.91 -6.53
CA VAL A 195 2.49 3.43 -7.81
C VAL A 195 1.68 2.31 -8.47
N SER A 196 0.55 2.66 -9.05
CA SER A 196 -0.31 1.66 -9.65
C SER A 196 0.29 1.09 -10.94
N LEU A 197 0.12 -0.21 -11.14
CA LEU A 197 0.54 -0.88 -12.35
C LEU A 197 -0.60 -1.11 -13.32
N GLU A 198 -1.73 -0.44 -13.11
CA GLU A 198 -2.85 -0.52 -14.05
C GLU A 198 -2.42 0.07 -15.37
N GLY A 199 -2.43 -0.75 -16.41
CA GLY A 199 -1.88 -0.38 -17.71
C GLY A 199 -0.53 -0.99 -18.00
N HIS A 200 0.13 -1.59 -17.00
CA HIS A 200 1.34 -2.37 -17.22
C HIS A 200 0.93 -3.84 -17.22
N TYR A 201 0.34 -4.25 -18.36
CA TYR A 201 -0.29 -5.53 -18.53
C TYR A 201 0.42 -6.36 -19.58
N LEU A 202 0.60 -7.64 -19.29
CA LEU A 202 0.98 -8.57 -20.33
C LEU A 202 -0.03 -8.43 -21.47
N PRO A 203 0.42 -8.33 -22.72
CA PRO A 203 -0.50 -8.03 -23.81
C PRO A 203 -1.76 -8.88 -23.77
N ARG A 204 -2.89 -8.21 -23.95
CA ARG A 204 -4.21 -8.79 -24.07
C ARG A 204 -4.74 -9.26 -22.73
N THR A 205 -4.04 -8.98 -21.64
CA THR A 205 -4.56 -9.25 -20.29
C THR A 205 -4.88 -7.95 -19.56
N ASP A 206 -5.65 -8.07 -18.49
CA ASP A 206 -6.03 -6.90 -17.68
C ASP A 206 -6.30 -7.31 -16.24
N GLY A 207 -5.29 -7.85 -15.56
CA GLY A 207 -5.51 -8.35 -14.22
C GLY A 207 -4.77 -7.56 -13.16
N ALA A 208 -4.35 -8.27 -12.13
CA ALA A 208 -3.76 -7.65 -10.97
C ALA A 208 -2.26 -7.61 -11.04
N ARG A 209 -1.71 -6.51 -10.55
CA ARG A 209 -0.30 -6.45 -10.22
C ARG A 209 0.12 -7.77 -9.57
N GLY A 210 1.30 -8.26 -9.96
CA GLY A 210 1.92 -9.35 -9.25
C GLY A 210 2.87 -8.87 -8.14
N GLU A 211 3.51 -9.83 -7.51
CA GLU A 211 4.46 -9.46 -6.48
C GLU A 211 5.74 -8.92 -7.10
N LEU A 212 6.53 -8.24 -6.28
CA LEU A 212 7.89 -7.81 -6.58
C LEU A 212 8.00 -6.58 -7.48
N GLY A 213 7.29 -6.56 -8.60
CA GLY A 213 7.54 -5.53 -9.57
C GLY A 213 6.93 -4.20 -9.19
N VAL A 214 7.57 -3.13 -9.69
CA VAL A 214 7.11 -1.76 -9.51
C VAL A 214 7.27 -1.00 -10.82
N VAL A 215 6.65 0.17 -10.89
CA VAL A 215 6.96 1.15 -11.93
C VAL A 215 7.58 2.33 -11.22
N GLY A 216 8.45 3.07 -11.95
CA GLY A 216 9.10 4.23 -11.39
C GLY A 216 9.66 5.14 -12.45
N PRO A 217 9.93 6.39 -12.08
CA PRO A 217 10.38 7.39 -13.07
C PRO A 217 11.86 7.33 -13.35
N MET A 218 12.23 7.90 -14.48
CA MET A 218 13.60 7.96 -14.93
C MET A 218 13.84 9.34 -15.52
N ALA A 219 14.99 9.93 -15.24
CA ALA A 219 15.29 11.25 -15.72
C ALA A 219 16.78 11.50 -15.61
N ARG A 220 17.18 12.73 -15.93
CA ARG A 220 18.57 13.16 -15.88
C ARG A 220 18.92 13.90 -14.61
N ASN A 221 17.98 14.11 -13.70
CA ASN A 221 18.26 14.86 -12.47
C ASN A 221 17.24 14.44 -11.42
N PRO A 222 17.54 14.63 -10.13
CA PRO A 222 16.62 14.16 -9.07
C PRO A 222 15.36 15.02 -8.93
N GLN A 223 15.39 16.28 -9.34
CA GLN A 223 14.20 17.12 -9.22
C GLN A 223 13.06 16.57 -10.05
N ASP A 224 13.34 16.23 -11.31
CA ASP A 224 12.32 15.67 -12.19
C ASP A 224 11.76 14.38 -11.60
N LEU A 225 12.61 13.55 -11.01
CA LEU A 225 12.14 12.31 -10.38
C LEU A 225 11.13 12.61 -9.29
N ALA A 226 11.45 13.55 -8.41
CA ALA A 226 10.58 13.84 -7.29
C ALA A 226 9.24 14.39 -7.79
N LEU A 227 9.29 15.32 -8.74
CA LEU A 227 8.04 15.78 -9.30
C LEU A 227 7.27 14.60 -9.89
N ALA A 228 7.92 13.80 -10.75
CA ALA A 228 7.19 12.72 -11.42
C ALA A 228 6.60 11.73 -10.41
N LEU A 229 7.25 11.57 -9.27
CA LEU A 229 6.75 10.67 -8.24
C LEU A 229 5.56 11.27 -7.51
N ASP A 230 5.60 12.56 -7.20
CA ASP A 230 4.42 13.17 -6.57
C ASP A 230 3.20 13.12 -7.48
N LEU A 231 3.40 13.16 -8.78
CA LEU A 231 2.28 13.16 -9.71
C LEU A 231 1.72 11.78 -9.99
N THR A 232 2.52 10.73 -9.81
CA THR A 232 2.09 9.38 -10.12
C THR A 232 1.77 8.47 -8.93
N SER A 233 2.23 8.78 -7.71
CA SER A 233 2.01 7.87 -6.59
C SER A 233 0.52 7.81 -6.29
N ARG A 234 0.05 6.64 -5.86
CA ARG A 234 -1.39 6.53 -5.68
C ARG A 234 -1.88 7.38 -4.51
N ILE A 235 -1.06 7.54 -3.47
CA ILE A 235 -1.27 8.43 -2.34
C ILE A 235 -0.02 9.31 -2.29
N ALA A 236 -0.14 10.50 -1.71
CA ALA A 236 1.04 11.33 -1.57
C ALA A 236 1.98 10.64 -0.58
N LEU A 237 3.21 10.48 -0.97
CA LEU A 237 4.16 9.80 -0.11
C LEU A 237 4.76 10.78 0.88
N PRO A 238 5.33 10.26 1.96
CA PRO A 238 6.01 11.12 2.92
C PRO A 238 7.07 11.94 2.22
N ILE A 239 7.27 13.13 2.71
CA ILE A 239 8.22 14.06 2.12
C ILE A 239 9.60 13.83 2.71
N ALA A 240 10.61 14.36 2.03
CA ALA A 240 11.98 14.10 2.42
C ALA A 240 12.31 14.70 3.79
N ARG A 241 12.84 13.83 4.68
CA ARG A 241 13.24 14.26 6.03
C ARG A 241 14.66 14.82 6.08
N ILE A 242 15.52 14.41 5.14
CA ILE A 242 16.93 14.78 5.13
C ILE A 242 17.08 16.19 4.53
N ASP A 243 18.07 16.94 5.00
CA ASP A 243 18.47 18.19 4.35
C ASP A 243 19.97 18.36 4.30
N THR A 244 20.73 17.47 4.93
CA THR A 244 22.18 17.59 4.93
C THR A 244 22.78 16.22 5.17
N LEU A 245 23.94 16.00 4.57
CA LEU A 245 24.70 14.79 4.79
C LEU A 245 25.32 14.73 6.16
N ASN A 246 25.29 15.84 6.90
CA ASN A 246 25.93 15.91 8.20
C ASN A 246 25.17 15.00 9.16
N GLY A 247 25.81 13.91 9.58
CA GLY A 247 25.17 12.98 10.47
C GLY A 247 24.39 11.88 9.78
N LEU A 248 24.12 12.04 8.49
CA LEU A 248 23.51 10.94 7.75
C LEU A 248 24.24 9.65 8.10
N ARG A 249 23.50 8.59 8.32
CA ARG A 249 24.07 7.30 8.66
C ARG A 249 24.03 6.40 7.44
N ILE A 250 25.18 6.10 6.87
CA ILE A 250 25.25 5.28 5.67
C ILE A 250 25.87 3.92 5.98
N LEU A 251 25.30 2.87 5.39
CA LEU A 251 25.86 1.54 5.39
C LEU A 251 26.42 1.29 3.99
N LEU A 252 27.73 1.15 3.90
CA LEU A 252 28.40 0.94 2.64
C LEU A 252 28.62 -0.55 2.42
N LEU A 253 28.06 -1.09 1.35
CA LEU A 253 28.26 -2.48 1.00
C LEU A 253 28.92 -2.51 -0.37
N THR A 254 30.18 -2.89 -0.43
CA THR A 254 30.85 -3.07 -1.70
C THR A 254 31.14 -4.53 -2.01
N HIS A 255 30.60 -5.46 -1.19
CA HIS A 255 30.77 -6.89 -1.37
C HIS A 255 29.46 -7.64 -1.19
N HIS A 256 29.22 -8.64 -2.04
CA HIS A 256 28.05 -9.49 -1.92
C HIS A 256 28.52 -10.94 -1.90
N PRO A 257 28.06 -11.74 -0.94
CA PRO A 257 28.44 -13.15 -0.90
C PRO A 257 28.06 -13.90 -2.16
N ARG A 258 27.23 -13.33 -3.02
CA ARG A 258 26.73 -14.04 -4.17
C ARG A 258 27.03 -13.39 -5.50
N ALA A 259 27.77 -12.28 -5.51
CA ALA A 259 28.21 -11.74 -6.78
C ALA A 259 29.43 -10.87 -6.58
N ALA A 260 30.29 -10.90 -7.60
CA ALA A 260 31.47 -10.08 -7.64
C ALA A 260 31.17 -8.68 -8.20
N ALA A 261 32.08 -7.75 -7.91
CA ALA A 261 32.05 -6.42 -8.47
C ALA A 261 33.43 -5.99 -8.96
N ASP A 262 33.45 -5.36 -10.12
CA ASP A 262 34.69 -4.87 -10.67
C ASP A 262 35.30 -3.80 -9.78
N SER A 263 36.62 -3.76 -9.76
CA SER A 263 37.35 -2.76 -8.98
C SER A 263 36.87 -1.36 -9.28
N ALA A 264 36.57 -1.07 -10.53
CA ALA A 264 36.24 0.30 -10.89
C ALA A 264 34.85 0.65 -10.37
N VAL A 265 33.94 -0.34 -10.30
CA VAL A 265 32.64 -0.12 -9.70
C VAL A 265 32.78 0.08 -8.19
N VAL A 266 33.44 -0.86 -7.53
CA VAL A 266 33.68 -0.71 -6.10
C VAL A 266 34.27 0.66 -5.80
N ALA A 267 35.34 1.00 -6.50
CA ALA A 267 36.03 2.26 -6.23
C ALA A 267 35.11 3.45 -6.44
N ALA A 268 34.24 3.40 -7.47
CA ALA A 268 33.31 4.50 -7.68
C ALA A 268 32.31 4.62 -6.54
N VAL A 269 31.79 3.49 -6.08
CA VAL A 269 30.86 3.48 -4.96
C VAL A 269 31.55 3.90 -3.67
N GLU A 270 32.77 3.39 -3.43
CA GLU A 270 33.52 3.81 -2.24
C GLU A 270 33.79 5.31 -2.25
N LYS A 271 34.15 5.87 -3.42
CA LYS A 271 34.43 7.29 -3.45
C LYS A 271 33.18 8.11 -3.16
N ALA A 272 32.00 7.66 -3.60
CA ALA A 272 30.78 8.41 -3.27
C ALA A 272 30.52 8.46 -1.77
N ALA A 273 30.78 7.34 -1.08
CA ALA A 273 30.59 7.33 0.36
C ALA A 273 31.59 8.26 1.04
N GLU A 274 32.82 8.30 0.55
CA GLU A 274 33.84 9.16 1.17
C GLU A 274 33.55 10.63 0.96
N SER A 275 32.94 10.98 -0.17
CA SER A 275 32.53 12.36 -0.37
C SER A 275 31.47 12.74 0.63
N CYS A 276 30.53 11.84 0.90
CA CYS A 276 29.53 12.11 1.92
C CYS A 276 30.16 12.23 3.29
N ALA A 277 31.12 11.35 3.61
CA ALA A 277 31.77 11.40 4.91
C ALA A 277 32.44 12.75 5.16
N ALA A 278 32.96 13.37 4.10
CA ALA A 278 33.63 14.66 4.21
C ALA A 278 32.67 15.81 4.40
N GLN A 279 31.39 15.63 4.00
CA GLN A 279 30.31 16.51 4.38
C GLN A 279 29.63 16.08 5.69
N GLY A 280 30.20 15.10 6.39
CA GLY A 280 29.81 14.81 7.77
C GLY A 280 29.08 13.51 8.01
N ALA A 281 29.07 12.61 7.04
CA ALA A 281 28.30 11.39 7.15
C ALA A 281 29.06 10.34 7.94
N GLN A 282 28.29 9.47 8.59
CA GLN A 282 28.82 8.36 9.40
C GLN A 282 28.62 7.08 8.58
N VAL A 283 29.70 6.67 7.92
CA VAL A 283 29.67 5.55 6.97
C VAL A 283 30.17 4.32 7.70
N SER A 284 29.32 3.30 7.81
CA SER A 284 29.71 2.02 8.36
C SER A 284 29.83 1.02 7.22
N THR A 285 30.62 -0.01 7.48
CA THR A 285 30.90 -1.04 6.49
C THR A 285 30.30 -2.36 6.85
N SER A 286 29.69 -2.48 8.02
CA SER A 286 29.16 -3.75 8.45
C SER A 286 28.16 -3.49 9.57
N ASN A 287 27.20 -4.39 9.69
CA ASN A 287 26.25 -4.36 10.81
C ASN A 287 25.70 -5.75 11.04
N ALA A 288 25.52 -6.09 12.31
CA ALA A 288 25.01 -7.41 12.61
C ALA A 288 23.51 -7.53 12.34
N ASP A 289 22.81 -6.41 12.10
CA ASP A 289 21.41 -6.44 11.69
C ASP A 289 21.23 -6.70 10.19
N LEU A 290 22.30 -6.74 9.43
CA LEU A 290 22.16 -7.00 8.00
C LEU A 290 21.56 -8.38 7.74
N PRO A 291 20.44 -8.46 7.09
CA PRO A 291 19.91 -9.77 6.73
C PRO A 291 20.91 -10.59 5.92
N ASP A 292 20.82 -11.92 6.07
CA ASP A 292 21.62 -12.86 5.29
C ASP A 292 21.33 -12.63 3.82
N LEU A 293 22.23 -11.92 3.14
CA LEU A 293 22.04 -11.64 1.73
C LEU A 293 22.13 -12.87 0.84
N SER A 294 22.80 -13.92 1.28
CA SER A 294 22.84 -15.09 0.42
C SER A 294 21.50 -15.81 0.43
N LYS A 295 20.89 -15.96 1.61
CA LYS A 295 19.54 -16.53 1.65
C LYS A 295 18.57 -15.64 0.90
N LEU A 296 18.69 -14.32 1.06
CA LEU A 296 17.75 -13.42 0.40
C LEU A 296 17.74 -13.68 -1.11
N VAL A 297 18.92 -13.83 -1.71
CA VAL A 297 19.00 -14.04 -3.14
C VAL A 297 18.27 -15.30 -3.56
N SER A 298 18.36 -16.35 -2.75
CA SER A 298 17.66 -17.59 -3.08
C SER A 298 16.15 -17.46 -2.92
N ASP A 299 15.70 -16.85 -1.80
CA ASP A 299 14.26 -16.63 -1.66
C ASP A 299 13.74 -15.77 -2.81
N TYR A 300 14.49 -14.73 -3.18
CA TYR A 300 14.07 -13.83 -4.25
C TYR A 300 13.95 -14.58 -5.57
N THR A 301 14.97 -15.36 -5.91
CA THR A 301 14.94 -16.17 -7.11
C THR A 301 13.77 -17.14 -7.13
N ARG A 302 13.69 -18.00 -6.10
CA ARG A 302 12.55 -18.91 -5.96
C ARG A 302 11.25 -18.20 -6.29
N MET A 303 10.98 -17.09 -5.62
CA MET A 303 9.71 -16.40 -5.81
C MET A 303 9.63 -15.77 -7.19
N LEU A 304 10.75 -15.23 -7.69
CA LEU A 304 10.72 -14.56 -8.99
C LEU A 304 10.29 -15.51 -10.10
N LEU A 305 10.84 -16.73 -10.09
CA LEU A 305 10.53 -17.69 -11.14
C LEU A 305 9.10 -18.22 -11.05
N ILE A 306 8.50 -18.22 -9.86
CA ILE A 306 7.10 -18.58 -9.79
C ILE A 306 6.22 -17.44 -10.28
N VAL A 307 6.52 -16.22 -9.86
CA VAL A 307 5.74 -15.07 -10.28
C VAL A 307 5.72 -14.97 -11.80
N LEU A 308 6.90 -15.04 -12.41
CA LEU A 308 6.99 -14.92 -13.86
C LEU A 308 6.35 -16.11 -14.56
N ALA A 309 6.34 -17.27 -13.94
CA ALA A 309 5.64 -18.40 -14.56
C ALA A 309 4.14 -18.37 -14.26
N GLN A 310 3.68 -17.40 -13.48
CA GLN A 310 2.27 -17.38 -13.08
C GLN A 310 1.87 -18.69 -12.38
N GLY A 311 2.76 -19.24 -11.58
CA GLY A 311 2.49 -20.48 -10.87
C GLY A 311 2.37 -21.72 -11.72
N LYS A 312 2.50 -21.61 -13.03
CA LYS A 312 2.43 -22.78 -13.89
C LYS A 312 3.77 -23.48 -13.91
N ALA A 313 3.75 -24.75 -14.28
CA ALA A 313 4.94 -25.57 -14.20
C ALA A 313 5.20 -26.26 -15.52
N PRO A 314 6.47 -26.48 -15.84
CA PRO A 314 6.82 -27.31 -17.02
C PRO A 314 6.15 -28.67 -16.93
N GLU A 315 5.54 -29.09 -18.04
CA GLU A 315 4.91 -30.41 -18.07
C GLU A 315 5.91 -31.49 -17.65
N GLY A 316 5.46 -32.40 -16.76
CA GLY A 316 6.30 -33.34 -16.07
C GLY A 316 6.65 -32.93 -14.64
N THR A 317 6.77 -31.61 -14.38
CA THR A 317 7.01 -31.07 -13.06
C THR A 317 5.69 -30.70 -12.39
N GLU A 318 5.63 -30.87 -11.05
CA GLU A 318 4.40 -30.51 -10.35
C GLU A 318 4.48 -29.06 -9.86
N PRO A 319 3.39 -28.32 -9.96
CA PRO A 319 3.43 -26.92 -9.56
C PRO A 319 3.60 -26.77 -8.06
N VAL A 320 3.90 -25.54 -7.70
CA VAL A 320 3.88 -25.12 -6.31
C VAL A 320 2.43 -25.08 -5.86
N SER A 321 2.20 -25.54 -4.64
CA SER A 321 0.87 -25.49 -4.04
C SER A 321 0.61 -24.08 -3.57
N LEU A 322 -0.69 -23.71 -3.50
CA LEU A 322 -1.07 -22.41 -2.95
C LEU A 322 -0.55 -22.24 -1.53
N ASN A 323 -0.62 -23.30 -0.72
CA ASN A 323 -0.18 -23.19 0.65
C ASN A 323 1.32 -22.92 0.71
N ALA A 324 2.07 -23.60 -0.16
CA ALA A 324 3.51 -23.34 -0.27
C ALA A 324 3.77 -21.90 -0.68
N TRP A 325 2.93 -21.35 -1.55
CA TRP A 325 3.07 -19.97 -1.96
C TRP A 325 2.84 -19.05 -0.79
N TYR A 326 1.84 -19.37 0.02
CA TYR A 326 1.54 -18.55 1.19
C TYR A 326 2.71 -18.58 2.16
N GLY A 327 3.34 -19.74 2.31
CA GLY A 327 4.59 -19.83 3.06
C GLY A 327 5.69 -18.95 2.48
N MET A 328 5.76 -18.85 1.14
CA MET A 328 6.83 -18.05 0.55
C MET A 328 6.64 -16.56 0.88
N LEU A 329 5.39 -16.10 0.98
CA LEU A 329 5.14 -14.73 1.39
C LEU A 329 5.38 -14.53 2.87
N ASP A 330 5.15 -15.54 3.70
CA ASP A 330 5.60 -15.49 5.09
C ASP A 330 7.11 -15.24 5.14
N ASP A 331 7.89 -16.08 4.44
CA ASP A 331 9.32 -15.87 4.33
C ASP A 331 9.64 -14.43 3.93
N GLN A 332 9.09 -13.99 2.79
CA GLN A 332 9.31 -12.61 2.36
C GLN A 332 9.02 -11.64 3.49
N ALA A 333 7.93 -11.86 4.22
CA ALA A 333 7.56 -10.94 5.28
C ALA A 333 8.55 -10.92 6.42
N ARG A 334 9.06 -12.09 6.80
CA ARG A 334 10.08 -12.15 7.83
C ARG A 334 11.32 -11.38 7.40
N THR A 335 11.73 -11.53 6.13
CA THR A 335 12.94 -10.85 5.67
C THR A 335 12.74 -9.34 5.72
N ILE A 336 11.58 -8.87 5.22
CA ILE A 336 11.28 -7.44 5.27
C ILE A 336 11.48 -6.89 6.67
N ARG A 337 11.00 -7.61 7.69
CA ARG A 337 11.17 -7.11 9.06
C ARG A 337 12.64 -7.04 9.44
N GLY A 338 13.46 -7.97 8.95
CA GLY A 338 14.91 -7.82 9.08
C GLY A 338 15.45 -6.49 8.62
N PHE A 339 15.01 -6.02 7.45
CA PHE A 339 15.45 -4.71 7.00
C PHE A 339 14.85 -3.56 7.81
N ASP A 340 13.67 -3.74 8.42
CA ASP A 340 13.17 -2.71 9.32
C ASP A 340 14.14 -2.47 10.46
N ARG A 341 14.61 -3.55 11.13
CA ARG A 341 15.60 -3.40 12.20
C ARG A 341 16.91 -2.80 11.67
N LEU A 342 17.29 -3.16 10.45
CA LEU A 342 18.53 -2.60 9.93
C LEU A 342 18.40 -1.10 9.77
N PHE A 343 17.26 -0.63 9.28
CA PHE A 343 17.09 0.78 9.03
C PHE A 343 16.82 1.59 10.30
N ASP A 344 16.72 0.94 11.46
CA ASP A 344 16.74 1.67 12.72
C ASP A 344 18.12 2.26 13.00
N SER A 345 19.15 1.66 12.42
CA SER A 345 20.54 2.04 12.63
C SER A 345 21.12 2.84 11.46
N PHE A 346 20.41 2.91 10.32
CA PHE A 346 20.91 3.54 9.11
C PHE A 346 19.81 4.26 8.35
N ASP A 347 20.23 5.35 7.69
CA ASP A 347 19.33 6.13 6.82
C ASP A 347 19.38 5.66 5.38
N ALA A 348 20.47 5.02 4.98
CA ALA A 348 20.59 4.54 3.62
C ALA A 348 21.66 3.47 3.55
N ILE A 349 21.50 2.59 2.57
CA ILE A 349 22.56 1.69 2.13
C ILE A 349 23.10 2.24 0.82
N PHE A 350 24.42 2.30 0.69
CA PHE A 350 25.07 2.60 -0.59
C PHE A 350 25.66 1.29 -1.10
N CYS A 351 25.27 0.87 -2.29
CA CYS A 351 25.97 -0.25 -2.90
C CYS A 351 25.95 -0.17 -4.42
N PRO A 352 26.62 -1.10 -5.11
CA PRO A 352 26.58 -1.09 -6.56
C PRO A 352 25.19 -1.42 -7.08
N VAL A 353 24.90 -0.94 -8.29
CA VAL A 353 23.73 -1.42 -9.01
C VAL A 353 24.03 -2.76 -9.65
N LEU A 354 25.17 -2.85 -10.30
CA LEU A 354 25.61 -4.08 -10.91
C LEU A 354 27.10 -4.13 -10.70
N GLY A 355 27.64 -5.35 -10.73
CA GLY A 355 29.05 -5.57 -10.64
C GLY A 355 29.87 -5.04 -11.80
N THR A 356 29.25 -4.70 -12.93
CA THR A 356 29.97 -4.10 -14.05
C THR A 356 29.16 -2.98 -14.67
N SER A 357 29.83 -2.17 -15.48
CA SER A 357 29.20 -1.21 -16.39
C SER A 357 28.68 -1.96 -17.64
N ALA A 358 28.21 -1.22 -18.64
CA ALA A 358 27.48 -1.84 -19.74
C ALA A 358 28.31 -2.90 -20.46
N PHE A 359 27.77 -4.09 -20.66
CA PHE A 359 28.48 -5.16 -21.37
C PHE A 359 28.26 -5.09 -22.87
N PRO A 360 29.07 -5.83 -23.64
CA PRO A 360 28.85 -5.88 -25.09
C PRO A 360 27.58 -6.62 -25.42
N HIS A 361 26.96 -6.21 -26.53
CA HIS A 361 25.73 -6.85 -26.98
C HIS A 361 25.93 -8.35 -26.97
N SER A 362 24.90 -9.06 -26.48
CA SER A 362 24.88 -10.51 -26.48
C SER A 362 23.61 -10.98 -27.18
N ASP A 363 23.80 -11.90 -28.13
CA ASP A 363 22.72 -12.55 -28.86
C ASP A 363 22.37 -13.90 -28.23
N GLU A 364 22.96 -14.23 -27.07
CA GLU A 364 22.76 -15.50 -26.41
C GLU A 364 21.61 -15.38 -25.41
N ALA A 365 20.57 -16.18 -25.59
CA ALA A 365 19.34 -15.99 -24.85
C ALA A 365 19.44 -16.52 -23.43
N ASP A 366 20.31 -17.49 -23.20
CA ASP A 366 20.37 -18.18 -21.92
C ASP A 366 21.42 -17.51 -21.06
N TRP A 367 20.96 -16.78 -20.04
CA TRP A 367 21.90 -16.18 -19.09
C TRP A 367 22.95 -17.16 -18.60
N GLY A 368 22.61 -18.44 -18.52
CA GLY A 368 23.57 -19.42 -18.04
C GLY A 368 24.74 -19.64 -18.96
N LYS A 369 24.57 -19.31 -20.24
CA LYS A 369 25.64 -19.41 -21.22
C LYS A 369 26.40 -18.11 -21.40
N ARG A 370 26.03 -17.04 -20.71
CA ARG A 370 26.74 -15.78 -20.83
C ARG A 370 27.76 -15.64 -19.70
N THR A 371 28.71 -14.73 -19.91
CA THR A 371 29.66 -14.37 -18.86
C THR A 371 29.75 -12.86 -18.74
N LEU A 372 30.48 -12.41 -17.71
CA LEU A 372 30.85 -11.02 -17.52
C LEU A 372 32.30 -10.94 -17.06
N THR A 373 33.07 -10.10 -17.71
CA THR A 373 34.42 -9.87 -17.29
C THR A 373 34.48 -8.97 -16.07
N ILE A 374 35.03 -9.49 -14.99
CA ILE A 374 35.21 -8.74 -13.76
C ILE A 374 36.66 -8.89 -13.33
N ASP A 375 37.39 -7.79 -13.38
CA ASP A 375 38.83 -7.78 -13.12
C ASP A 375 39.58 -8.83 -13.93
N GLY A 376 39.28 -8.89 -15.23
CA GLY A 376 39.96 -9.79 -16.12
C GLY A 376 39.42 -11.21 -16.18
N ALA A 377 38.72 -11.67 -15.16
CA ALA A 377 38.19 -13.03 -15.15
C ALA A 377 36.81 -13.05 -15.77
N ASP A 378 36.48 -14.16 -16.43
CA ASP A 378 35.09 -14.43 -16.73
C ASP A 378 34.38 -14.90 -15.47
N THR A 379 33.18 -14.37 -15.26
CA THR A 379 32.36 -14.64 -14.09
C THR A 379 30.95 -14.89 -14.58
N PRO A 380 30.14 -15.60 -13.81
CA PRO A 380 28.77 -15.91 -14.26
C PRO A 380 27.94 -14.64 -14.34
N PHE A 381 27.14 -14.58 -15.40
CA PHE A 381 26.32 -13.42 -15.67
C PHE A 381 25.16 -13.34 -14.70
N GLY A 382 24.38 -14.40 -14.59
CA GLY A 382 23.21 -14.32 -13.74
C GLY A 382 23.53 -14.00 -12.30
N SER A 383 24.75 -14.30 -11.85
CA SER A 383 25.11 -14.06 -10.45
C SER A 383 24.79 -12.63 -10.02
N GLN A 384 24.74 -11.70 -10.97
CA GLN A 384 24.65 -10.27 -10.64
C GLN A 384 23.26 -9.85 -10.17
N LEU A 385 22.25 -10.73 -10.29
CA LEU A 385 20.97 -10.41 -9.69
C LEU A 385 21.12 -10.07 -8.22
N ALA A 386 22.20 -10.51 -7.60
CA ALA A 386 22.32 -10.32 -6.17
C ALA A 386 22.23 -8.85 -5.81
N TRP A 387 22.90 -7.98 -6.58
CA TRP A 387 22.98 -6.57 -6.23
C TRP A 387 21.62 -5.92 -6.23
N ILE A 388 20.71 -6.46 -7.03
CA ILE A 388 19.38 -5.95 -7.31
C ILE A 388 18.31 -6.54 -6.41
N SER A 389 18.63 -7.63 -5.68
CA SER A 389 17.60 -8.40 -5.00
C SER A 389 17.06 -7.71 -3.75
N MET A 390 17.93 -7.04 -2.97
CA MET A 390 17.47 -6.51 -1.69
C MET A 390 16.19 -5.69 -1.88
N ALA A 391 16.23 -4.69 -2.76
CA ALA A 391 15.12 -3.77 -2.82
C ALA A 391 13.89 -4.39 -3.47
N THR A 392 14.08 -5.31 -4.41
CA THR A 392 12.91 -5.90 -5.07
C THR A 392 12.21 -6.85 -4.11
N TYR A 393 12.95 -7.80 -3.52
CA TYR A 393 12.33 -8.79 -2.65
C TYR A 393 11.73 -8.16 -1.40
N CYS A 394 12.48 -7.26 -0.75
CA CYS A 394 11.97 -6.65 0.48
C CYS A 394 11.13 -5.42 0.25
N GLY A 395 11.04 -4.93 -0.99
CA GLY A 395 10.15 -3.84 -1.36
C GLY A 395 10.65 -2.42 -1.16
N MET A 396 11.89 -2.24 -0.70
CA MET A 396 12.42 -0.91 -0.45
C MET A 396 12.56 -0.10 -1.73
N PRO A 397 12.44 1.23 -1.63
CA PRO A 397 12.85 2.11 -2.74
C PRO A 397 14.35 2.06 -2.94
N ALA A 398 14.78 2.37 -4.17
CA ALA A 398 16.18 2.21 -4.52
C ALA A 398 16.48 3.07 -5.72
N LEU A 399 17.30 4.09 -5.51
CA LEU A 399 17.73 4.98 -6.57
C LEU A 399 18.92 4.40 -7.29
N SER A 400 18.98 4.57 -8.60
CA SER A 400 20.23 4.39 -9.33
C SER A 400 20.66 5.73 -9.86
N MET A 401 21.83 6.20 -9.47
CA MET A 401 22.29 7.51 -9.92
C MET A 401 23.73 7.44 -10.42
N PRO A 402 24.10 8.32 -11.35
CA PRO A 402 25.48 8.33 -11.87
C PRO A 402 26.50 8.81 -10.86
N VAL A 403 27.65 8.12 -10.74
CA VAL A 403 28.71 8.56 -9.83
C VAL A 403 30.09 8.52 -10.47
N GLY A 404 30.21 8.12 -11.72
CA GLY A 404 31.51 8.13 -12.35
C GLY A 404 31.47 7.35 -13.63
N THR A 405 32.64 7.19 -14.21
CA THR A 405 32.83 6.48 -15.45
C THR A 405 33.97 5.49 -15.25
N ASP A 406 33.89 4.35 -15.93
CA ASP A 406 34.96 3.35 -15.87
C ASP A 406 36.06 3.79 -16.84
N ALA A 407 37.10 2.94 -16.99
CA ALA A 407 38.28 3.34 -17.74
C ALA A 407 38.02 3.44 -19.23
N ASN A 408 36.92 2.84 -19.69
CA ASN A 408 36.51 2.84 -21.07
C ASN A 408 35.53 3.95 -21.37
N GLY A 409 35.22 4.79 -20.38
CA GLY A 409 34.29 5.89 -20.56
C GLY A 409 32.86 5.56 -20.29
N LEU A 410 32.58 4.36 -19.82
CA LEU A 410 31.23 3.89 -19.60
C LEU A 410 30.76 4.30 -18.21
N PRO A 411 29.49 4.69 -18.13
CA PRO A 411 28.97 5.17 -16.86
C PRO A 411 28.97 4.08 -15.82
N ILE A 412 29.12 4.51 -14.57
CA ILE A 412 28.94 3.68 -13.41
C ILE A 412 27.98 4.36 -12.47
N GLY A 413 27.08 3.57 -11.89
CA GLY A 413 26.05 4.07 -11.03
C GLY A 413 26.14 3.55 -9.62
N LEU A 414 25.50 4.28 -8.72
CA LEU A 414 25.44 3.99 -7.30
C LEU A 414 24.00 3.66 -6.99
N GLN A 415 23.79 2.64 -6.17
CA GLN A 415 22.46 2.28 -5.73
C GLN A 415 22.30 2.79 -4.30
N ILE A 416 21.22 3.53 -4.06
CA ILE A 416 20.92 4.11 -2.74
C ILE A 416 19.59 3.52 -2.33
N ILE A 417 19.61 2.72 -1.26
CA ILE A 417 18.43 2.04 -0.74
C ILE A 417 18.06 2.66 0.58
N THR A 418 16.77 2.97 0.77
CA THR A 418 16.24 3.53 2.00
C THR A 418 15.00 2.76 2.40
N ARG A 419 14.40 3.11 3.53
CA ARG A 419 13.34 2.29 4.09
C ARG A 419 12.07 2.38 3.25
N ASN A 420 11.20 1.39 3.42
CA ASN A 420 9.96 1.37 2.66
C ASN A 420 9.21 2.67 2.84
N TRP A 421 8.78 3.28 1.75
CA TRP A 421 7.88 4.44 1.65
C TRP A 421 8.65 5.73 1.74
N SER A 422 9.97 5.68 1.86
CA SER A 422 10.79 6.89 1.94
C SER A 422 11.43 7.19 0.59
N ASP A 423 10.68 6.94 -0.48
CA ASP A 423 11.18 7.14 -1.83
C ASP A 423 11.77 8.54 -2.01
N HIS A 424 11.14 9.56 -1.43
CA HIS A 424 11.68 10.92 -1.58
C HIS A 424 12.98 11.11 -0.83
N ASP A 425 13.19 10.38 0.28
CA ASP A 425 14.49 10.45 0.96
C ASP A 425 15.62 9.88 0.12
N ALA A 426 15.31 8.85 -0.69
CA ALA A 426 16.30 8.27 -1.61
C ALA A 426 16.72 9.28 -2.67
N VAL A 427 15.74 9.92 -3.29
CA VAL A 427 16.04 10.93 -4.30
C VAL A 427 16.78 12.10 -3.70
N ARG A 428 16.40 12.49 -2.48
CA ARG A 428 17.08 13.61 -1.82
C ARG A 428 18.54 13.27 -1.52
N ILE A 429 18.79 12.08 -0.97
CA ILE A 429 20.17 11.69 -0.67
C ILE A 429 21.01 11.66 -1.94
N GLY A 430 20.43 11.19 -3.05
CA GLY A 430 21.20 11.16 -4.28
C GLY A 430 21.49 12.53 -4.79
N ALA A 431 20.57 13.47 -4.60
CA ALA A 431 20.87 14.86 -4.91
C ALA A 431 22.01 15.40 -4.05
N LEU A 432 22.01 15.09 -2.76
CA LEU A 432 23.11 15.55 -1.94
C LEU A 432 24.40 14.79 -2.24
N VAL A 433 24.31 13.53 -2.64
CA VAL A 433 25.52 12.81 -3.01
C VAL A 433 26.16 13.48 -4.21
N ALA A 434 25.32 13.87 -5.18
CA ALA A 434 25.84 14.51 -6.38
C ALA A 434 26.47 15.85 -6.04
N ASP A 435 25.96 16.55 -5.05
CA ASP A 435 26.59 17.81 -4.67
C ASP A 435 27.95 17.53 -4.06
N ALA A 436 28.00 16.57 -3.14
CA ALA A 436 29.25 16.27 -2.44
C ALA A 436 30.35 15.85 -3.40
N LEU A 437 29.97 15.15 -4.49
CA LEU A 437 30.96 14.70 -5.47
C LEU A 437 31.46 15.85 -6.33
N ALA A 438 30.60 16.85 -6.58
CA ALA A 438 31.04 18.09 -7.25
C ALA A 438 31.90 18.99 -6.35
N ALA A 439 31.78 18.86 -5.03
CA ALA A 439 32.58 19.66 -4.10
C ALA A 439 33.70 18.81 -3.50
N SER B 2 -21.34 11.22 29.03
CA SER B 2 -20.70 11.57 30.29
C SER B 2 -19.22 11.16 30.40
N GLU B 3 -18.73 10.21 29.60
CA GLU B 3 -17.33 9.78 29.72
C GLU B 3 -16.40 10.61 28.85
N LEU B 4 -15.19 10.85 29.34
CA LEU B 4 -14.19 11.56 28.56
C LEU B 4 -13.80 10.74 27.33
N SER B 5 -13.57 11.41 26.22
CA SER B 5 -12.95 10.81 25.06
C SER B 5 -11.44 10.71 25.24
N ALA B 6 -10.78 10.04 24.29
CA ALA B 6 -9.32 9.94 24.36
C ALA B 6 -8.66 11.31 24.25
N ILE B 7 -9.14 12.15 23.35
CA ILE B 7 -8.53 13.47 23.22
C ILE B 7 -8.78 14.31 24.47
N GLU B 8 -10.00 14.28 25.03
CA GLU B 8 -10.28 14.99 26.27
C GLU B 8 -9.41 14.48 27.41
N THR B 9 -9.21 13.16 27.47
CA THR B 9 -8.40 12.59 28.53
C THR B 9 -6.97 13.08 28.42
N ALA B 10 -6.42 13.05 27.21
CA ALA B 10 -5.03 13.40 27.01
C ALA B 10 -4.84 14.86 27.37
N ALA B 11 -5.84 15.69 27.03
CA ALA B 11 -5.79 17.11 27.34
C ALA B 11 -5.86 17.35 28.84
N ALA B 12 -6.75 16.66 29.53
CA ALA B 12 -6.85 16.81 30.97
C ALA B 12 -5.49 16.54 31.64
N ILE B 13 -4.80 15.47 31.21
CA ILE B 13 -3.49 15.13 31.77
C ILE B 13 -2.42 16.16 31.40
N ALA B 14 -2.36 16.54 30.12
CA ALA B 14 -1.36 17.52 29.71
C ALA B 14 -1.53 18.83 30.45
N GLY B 15 -2.74 19.13 30.89
CA GLY B 15 -3.08 20.38 31.53
C GLY B 15 -3.16 20.33 33.03
N GLY B 16 -2.91 19.17 33.65
CA GLY B 16 -2.87 19.11 35.09
C GLY B 16 -4.21 18.97 35.77
N SER B 17 -5.31 18.99 35.03
CA SER B 17 -6.58 18.61 35.63
C SER B 17 -6.45 17.33 36.45
N MET B 18 -5.92 16.27 35.83
CA MET B 18 -5.73 14.98 36.48
C MET B 18 -4.39 14.43 36.03
N THR B 19 -3.89 13.43 36.74
CA THR B 19 -2.63 12.79 36.41
C THR B 19 -2.88 11.51 35.62
N ALA B 20 -1.84 11.04 34.93
CA ALA B 20 -1.98 9.79 34.19
C ALA B 20 -2.40 8.65 35.11
N LEU B 21 -1.80 8.57 36.30
CA LEU B 21 -2.13 7.48 37.21
C LEU B 21 -3.58 7.57 37.64
N GLU B 22 -4.03 8.76 37.99
CA GLU B 22 -5.45 8.94 38.28
C GLU B 22 -6.31 8.46 37.10
N ALA B 23 -5.97 8.89 35.88
CA ALA B 23 -6.75 8.49 34.71
C ALA B 23 -6.81 6.97 34.58
N CYS B 24 -5.67 6.31 34.78
CA CYS B 24 -5.61 4.86 34.74
C CYS B 24 -6.46 4.25 35.85
N ASP B 25 -6.40 4.82 37.05
CA ASP B 25 -7.13 4.22 38.15
C ASP B 25 -8.63 4.42 38.00
N ALA B 26 -9.06 5.46 37.27
CA ALA B 26 -10.47 5.62 37.00
C ALA B 26 -10.96 4.61 35.95
N ALA B 27 -10.15 4.33 34.94
CA ALA B 27 -10.52 3.29 33.99
C ALA B 27 -10.64 1.94 34.69
N ILE B 28 -9.64 1.60 35.48
CA ILE B 28 -9.73 0.36 36.22
C ILE B 28 -11.00 0.33 37.04
N ALA B 29 -11.35 1.45 37.65
CA ALA B 29 -12.57 1.43 38.47
C ALA B 29 -13.80 1.23 37.61
N ARG B 30 -13.88 1.90 36.46
CA ARG B 30 -15.01 1.69 35.57
C ARG B 30 -15.11 0.23 35.17
N ILE B 31 -13.96 -0.40 34.86
CA ILE B 31 -13.95 -1.79 34.42
C ILE B 31 -14.41 -2.71 35.54
N GLU B 32 -13.78 -2.61 36.71
CA GLU B 32 -14.19 -3.47 37.81
C GLU B 32 -15.68 -3.31 38.13
N GLN B 33 -16.19 -2.10 38.05
CA GLN B 33 -17.60 -1.91 38.39
C GLN B 33 -18.56 -2.31 37.28
N ARG B 34 -18.17 -2.26 36.02
CA ARG B 34 -19.15 -2.41 34.96
C ARG B 34 -19.05 -3.71 34.18
N ASP B 35 -17.92 -4.41 34.28
CA ASP B 35 -17.64 -5.55 33.43
C ASP B 35 -18.16 -6.86 33.98
N GLY B 36 -18.71 -6.90 35.18
CA GLY B 36 -19.25 -8.14 35.70
C GLY B 36 -20.22 -8.82 34.75
N PRO B 37 -21.33 -8.13 34.42
CA PRO B 37 -22.34 -8.72 33.52
C PRO B 37 -22.02 -8.63 32.04
N ILE B 38 -21.01 -7.86 31.64
CA ILE B 38 -20.71 -7.68 30.23
C ILE B 38 -19.61 -8.62 29.77
N ASN B 39 -18.55 -8.75 30.57
CA ASN B 39 -17.44 -9.67 30.33
C ASN B 39 -16.76 -9.37 28.99
N ALA B 40 -16.32 -8.11 28.85
CA ALA B 40 -15.62 -7.63 27.69
C ALA B 40 -14.11 -7.58 27.87
N VAL B 41 -13.63 -7.10 29.02
CA VAL B 41 -12.20 -6.92 29.26
C VAL B 41 -11.73 -8.19 29.96
N VAL B 42 -11.24 -9.14 29.17
CA VAL B 42 -11.04 -10.50 29.63
C VAL B 42 -9.59 -10.81 29.93
N VAL B 43 -8.68 -9.94 29.51
CA VAL B 43 -7.25 -10.05 29.80
C VAL B 43 -6.91 -8.75 30.47
N ARG B 44 -6.48 -8.82 31.71
CA ARG B 44 -6.21 -7.61 32.47
C ARG B 44 -4.75 -7.51 32.87
N ASP B 45 -4.19 -6.32 32.68
CA ASP B 45 -2.79 -6.05 32.91
C ASP B 45 -2.62 -4.86 33.83
N PHE B 46 -3.42 -4.79 34.91
CA PHE B 46 -3.57 -3.51 35.60
C PHE B 46 -2.28 -3.07 36.29
N ASP B 47 -1.57 -3.98 36.94
CA ASP B 47 -0.38 -3.56 37.68
C ASP B 47 0.66 -2.94 36.74
N ARG B 48 0.95 -3.61 35.63
CA ARG B 48 1.88 -3.02 34.67
C ARG B 48 1.31 -1.76 34.07
N ALA B 49 0.00 -1.67 33.88
CA ALA B 49 -0.55 -0.44 33.35
C ALA B 49 -0.34 0.70 34.34
N ARG B 50 -0.43 0.41 35.63
CA ARG B 50 -0.26 1.49 36.60
C ARG B 50 1.18 1.97 36.62
N GLU B 51 2.16 1.10 36.36
CA GLU B 51 3.55 1.58 36.30
C GLU B 51 3.83 2.27 34.99
N ALA B 52 3.11 1.94 33.91
CA ALA B 52 3.22 2.77 32.73
C ALA B 52 2.60 4.14 32.97
N ALA B 53 1.45 4.22 33.64
CA ALA B 53 0.84 5.52 33.91
C ALA B 53 1.75 6.41 34.75
N LYS B 54 2.48 5.82 35.71
CA LYS B 54 3.39 6.60 36.53
C LYS B 54 4.55 7.16 35.71
N ALA B 55 5.03 6.38 34.76
CA ALA B 55 6.11 6.85 33.89
C ALA B 55 5.62 7.97 32.97
N ALA B 56 4.38 7.86 32.48
CA ALA B 56 3.77 8.97 31.76
C ALA B 56 3.85 10.23 32.59
N ASP B 57 3.51 10.11 33.87
CA ASP B 57 3.50 11.29 34.72
C ASP B 57 4.90 11.85 34.92
N GLY B 58 5.90 10.99 34.94
CA GLY B 58 7.26 11.48 34.82
C GLY B 58 7.46 12.30 33.56
N GLU B 59 6.92 11.82 32.45
CA GLU B 59 7.08 12.55 31.19
C GLU B 59 6.40 13.90 31.27
N VAL B 60 5.16 13.94 31.78
CA VAL B 60 4.40 15.19 31.78
C VAL B 60 5.15 16.26 32.56
N ALA B 61 5.62 15.91 33.76
CA ALA B 61 6.37 16.84 34.59
C ALA B 61 7.70 17.24 33.99
N ALA B 62 8.16 16.52 32.98
CA ALA B 62 9.36 16.87 32.25
C ALA B 62 9.08 17.77 31.05
N GLY B 63 7.84 18.23 30.90
CA GLY B 63 7.48 19.03 29.74
C GLY B 63 7.16 18.24 28.49
N VAL B 64 7.02 16.91 28.58
CA VAL B 64 6.78 16.09 27.40
C VAL B 64 5.29 16.03 27.11
N SER B 65 4.95 16.11 25.83
CA SER B 65 3.58 16.02 25.36
C SER B 65 3.52 15.08 24.18
N LYS B 66 2.51 14.21 24.17
CA LYS B 66 2.24 13.29 23.08
C LYS B 66 0.74 13.18 22.97
N PRO B 67 0.21 12.92 21.79
CA PRO B 67 -1.23 13.08 21.58
C PRO B 67 -2.12 12.19 22.42
N LEU B 68 -1.64 11.03 22.86
CA LEU B 68 -2.37 10.19 23.79
C LEU B 68 -1.55 9.89 25.04
N LEU B 69 -0.83 10.87 25.57
CA LEU B 69 0.02 10.61 26.72
C LEU B 69 -0.84 10.32 27.95
N GLY B 70 -0.70 9.13 28.53
CA GLY B 70 -1.43 8.76 29.72
C GLY B 70 -2.83 8.24 29.49
N VAL B 71 -3.29 8.16 28.24
CA VAL B 71 -4.64 7.73 27.94
C VAL B 71 -4.77 6.22 28.08
N PRO B 72 -5.57 5.75 29.03
CA PRO B 72 -5.82 4.31 29.14
C PRO B 72 -6.70 3.83 28.00
N MET B 73 -6.33 2.71 27.40
CA MET B 73 -7.16 2.06 26.39
C MET B 73 -6.93 0.57 26.46
N THR B 74 -7.68 -0.19 25.65
CA THR B 74 -7.47 -1.62 25.52
C THR B 74 -7.34 -1.96 24.03
N ILE B 75 -7.18 -3.24 23.73
CA ILE B 75 -7.08 -3.67 22.35
C ILE B 75 -7.61 -5.10 22.24
N LYS B 76 -8.09 -5.43 21.04
CA LYS B 76 -8.63 -6.74 20.72
C LYS B 76 -7.62 -7.81 21.09
N GLU B 77 -8.12 -8.90 21.64
CA GLU B 77 -7.24 -9.91 22.21
C GLU B 77 -6.32 -10.54 21.18
N SER B 78 -6.65 -10.41 19.87
CA SER B 78 -5.89 -11.01 18.79
C SER B 78 -4.70 -10.18 18.34
N ILE B 79 -4.57 -8.96 18.84
CA ILE B 79 -3.46 -8.09 18.52
C ILE B 79 -2.45 -8.16 19.65
N ASP B 80 -1.21 -8.48 19.31
CA ASP B 80 -0.20 -8.77 20.31
C ASP B 80 0.11 -7.56 21.18
N ILE B 81 0.14 -7.78 22.50
CA ILE B 81 0.86 -6.93 23.44
C ILE B 81 1.92 -7.78 24.11
N ALA B 82 3.15 -7.26 24.19
CA ALA B 82 4.22 -8.03 24.82
C ALA B 82 3.86 -8.35 26.26
N GLY B 83 4.05 -9.60 26.66
CA GLY B 83 3.83 -10.04 28.02
C GLY B 83 2.46 -10.63 28.28
N LEU B 84 1.51 -10.43 27.38
CA LEU B 84 0.14 -10.90 27.51
C LEU B 84 -0.17 -11.98 26.50
N PRO B 85 -1.16 -12.83 26.76
CA PRO B 85 -1.48 -13.92 25.83
C PRO B 85 -2.19 -13.42 24.59
N THR B 86 -2.00 -14.17 23.52
CA THR B 86 -2.76 -13.97 22.28
C THR B 86 -3.20 -15.34 21.81
N SER B 87 -4.48 -15.67 22.05
CA SER B 87 -5.02 -17.01 21.85
C SER B 87 -6.06 -17.11 20.75
N TRP B 88 -6.69 -16.01 20.36
CA TRP B 88 -7.82 -16.04 19.42
C TRP B 88 -8.93 -16.97 19.88
N GLY B 89 -9.04 -17.21 21.19
CA GLY B 89 -10.12 -18.03 21.69
C GLY B 89 -9.93 -19.51 21.51
N PHE B 90 -8.78 -19.93 21.00
CA PHE B 90 -8.43 -21.35 20.98
C PHE B 90 -7.94 -21.76 22.35
N ALA B 91 -8.47 -22.86 22.88
CA ALA B 91 -7.96 -23.32 24.16
C ALA B 91 -6.48 -23.69 24.07
N GLU B 92 -6.10 -24.42 23.01
CA GLU B 92 -4.72 -24.84 22.81
C GLU B 92 -3.71 -23.68 22.78
N HIS B 93 -4.19 -22.43 22.63
CA HIS B 93 -3.30 -21.27 22.59
C HIS B 93 -3.49 -20.33 23.76
N ALA B 94 -4.12 -20.79 24.84
CA ALA B 94 -4.39 -19.92 25.96
C ALA B 94 -3.14 -19.48 26.67
N ASP B 95 -2.07 -20.27 26.59
CA ASP B 95 -0.79 -19.94 27.17
C ASP B 95 0.23 -19.46 26.13
N HIS B 96 -0.22 -18.92 24.99
CA HIS B 96 0.70 -18.35 24.00
C HIS B 96 0.94 -16.89 24.39
N ILE B 97 2.12 -16.58 24.92
CA ILE B 97 2.43 -15.22 25.35
C ILE B 97 3.29 -14.54 24.31
N ALA B 98 2.81 -13.41 23.81
CA ALA B 98 3.52 -12.68 22.77
C ALA B 98 4.75 -12.03 23.35
N THR B 99 5.81 -12.02 22.55
CA THR B 99 7.11 -11.48 22.92
C THR B 99 7.32 -10.02 22.56
N ALA B 100 6.48 -9.50 21.68
CA ALA B 100 6.69 -8.18 21.14
C ALA B 100 5.35 -7.53 20.90
N ASP B 101 5.34 -6.22 21.03
CA ASP B 101 4.17 -5.44 20.68
C ASP B 101 3.92 -5.56 19.18
N SER B 102 2.65 -5.60 18.82
CA SER B 102 2.27 -5.43 17.42
C SER B 102 2.65 -4.03 16.96
N VAL B 103 2.65 -3.81 15.64
CA VAL B 103 2.98 -2.47 15.17
C VAL B 103 1.97 -1.47 15.69
N VAL B 104 0.70 -1.81 15.60
CA VAL B 104 -0.35 -0.91 16.06
C VAL B 104 -0.12 -0.52 17.52
N VAL B 105 0.17 -1.50 18.37
CA VAL B 105 0.41 -1.18 19.78
C VAL B 105 1.65 -0.30 19.94
N SER B 106 2.72 -0.58 19.20
CA SER B 106 3.91 0.26 19.29
C SER B 106 3.62 1.68 18.91
N ARG B 107 2.83 1.85 17.87
CA ARG B 107 2.49 3.19 17.43
C ARG B 107 1.69 3.92 18.50
N LEU B 108 0.67 3.26 19.07
CA LEU B 108 -0.10 3.93 20.11
C LEU B 108 0.72 4.15 21.36
N LYS B 109 1.58 3.20 21.72
CA LYS B 109 2.46 3.40 22.89
C LYS B 109 3.42 4.57 22.68
N ALA B 110 3.89 4.78 21.44
CA ALA B 110 4.80 5.88 21.14
C ALA B 110 4.12 7.23 21.23
N ALA B 111 2.80 7.26 20.97
CA ALA B 111 1.95 8.40 21.30
C ALA B 111 1.57 8.47 22.76
N GLY B 112 2.04 7.52 23.59
CA GLY B 112 1.90 7.65 25.03
C GLY B 112 0.78 6.84 25.65
N ALA B 113 0.01 6.10 24.87
CA ALA B 113 -1.15 5.42 25.42
C ALA B 113 -0.74 4.34 26.42
N VAL B 114 -1.67 4.02 27.32
CA VAL B 114 -1.47 3.00 28.35
C VAL B 114 -2.47 1.89 28.13
N PHE B 115 -1.98 0.67 27.98
CA PHE B 115 -2.80 -0.48 27.64
C PHE B 115 -3.12 -1.26 28.90
N LEU B 116 -4.40 -1.24 29.28
CA LEU B 116 -4.90 -1.87 30.49
C LEU B 116 -5.16 -3.36 30.33
N GLY B 117 -5.46 -3.79 29.10
CA GLY B 117 -5.79 -5.18 28.88
C GLY B 117 -6.22 -5.39 27.44
N LYS B 118 -6.93 -6.50 27.23
CA LYS B 118 -7.42 -6.88 25.91
C LYS B 118 -8.86 -7.34 26.06
N THR B 119 -9.62 -7.26 24.96
CA THR B 119 -11.05 -7.52 24.98
C THR B 119 -11.43 -8.77 24.21
N ASN B 120 -12.60 -9.30 24.55
CA ASN B 120 -12.99 -10.65 24.17
C ASN B 120 -13.26 -10.80 22.68
N ILE B 121 -13.19 -12.06 22.23
CA ILE B 121 -13.32 -12.42 20.84
C ILE B 121 -13.98 -13.77 20.70
N PRO B 122 -14.48 -14.15 19.54
CA PRO B 122 -14.97 -15.51 19.34
C PRO B 122 -13.85 -16.45 18.89
N VAL B 123 -14.14 -17.74 18.96
CA VAL B 123 -13.12 -18.70 18.58
C VAL B 123 -12.75 -18.48 17.13
N ALA B 124 -11.45 -18.36 16.87
CA ALA B 124 -10.89 -18.29 15.54
C ALA B 124 -11.27 -17.01 14.84
N LEU B 125 -11.79 -16.04 15.58
CA LEU B 125 -12.27 -14.76 15.03
C LEU B 125 -13.32 -15.00 13.95
N ALA B 126 -14.19 -15.97 14.18
CA ALA B 126 -15.01 -16.54 13.12
C ALA B 126 -16.49 -16.45 13.41
N ASP B 127 -16.93 -15.36 14.07
CA ASP B 127 -18.34 -15.24 14.45
C ASP B 127 -18.67 -13.77 14.65
N TRP B 128 -19.94 -13.45 14.53
CA TRP B 128 -20.46 -12.15 14.96
C TRP B 128 -20.95 -12.20 16.40
N GLN B 129 -20.22 -12.95 17.24
CA GLN B 129 -20.39 -12.99 18.67
C GLN B 129 -19.00 -13.07 19.29
N SER B 130 -18.94 -12.98 20.61
CA SER B 130 -17.66 -12.99 21.30
C SER B 130 -17.78 -13.97 22.46
N SER B 131 -17.52 -15.24 22.15
CA SER B 131 -17.62 -16.32 23.11
C SER B 131 -16.48 -17.28 22.81
N ASN B 132 -15.89 -17.84 23.84
CA ASN B 132 -14.77 -18.75 23.65
C ASN B 132 -14.50 -19.45 24.96
N PRO B 133 -13.87 -20.61 24.93
CA PRO B 133 -13.69 -21.37 26.17
C PRO B 133 -12.60 -20.83 27.06
N ASN B 134 -11.80 -19.83 26.62
CA ASN B 134 -10.74 -19.32 27.50
C ASN B 134 -11.25 -18.25 28.47
N TYR B 135 -12.26 -17.48 28.04
CA TYR B 135 -12.65 -16.27 28.75
C TYR B 135 -14.15 -16.17 28.98
N GLY B 136 -14.98 -16.90 28.22
CA GLY B 136 -16.43 -16.76 28.28
C GLY B 136 -17.05 -15.88 27.20
N ARG B 137 -18.25 -15.40 27.51
CA ARG B 137 -19.09 -14.74 26.54
C ARG B 137 -19.24 -13.29 26.93
N THR B 138 -19.21 -12.41 25.91
CA THR B 138 -19.40 -10.98 26.08
C THR B 138 -20.84 -10.63 25.74
N ASN B 139 -21.47 -9.85 26.58
CA ASN B 139 -22.87 -9.51 26.39
C ASN B 139 -23.03 -8.04 25.98
N ASN B 140 -24.01 -7.79 25.10
CA ASN B 140 -24.31 -6.45 24.63
C ASN B 140 -24.76 -5.58 25.76
N PRO B 141 -24.10 -4.44 26.04
CA PRO B 141 -24.52 -3.60 27.17
C PRO B 141 -25.88 -2.98 26.99
N HIS B 142 -26.37 -2.87 25.77
CA HIS B 142 -27.72 -2.38 25.53
C HIS B 142 -28.78 -3.46 25.74
N ASP B 143 -28.43 -4.74 25.65
CA ASP B 143 -29.38 -5.82 25.94
C ASP B 143 -28.56 -7.07 26.25
N LEU B 144 -28.42 -7.39 27.52
CA LEU B 144 -27.49 -8.47 27.87
C LEU B 144 -27.91 -9.80 27.28
N THR B 145 -29.17 -9.96 26.85
CA THR B 145 -29.51 -11.21 26.19
C THR B 145 -29.05 -11.28 24.75
N ARG B 146 -28.29 -10.30 24.27
CA ARG B 146 -27.98 -10.24 22.86
C ARG B 146 -26.49 -10.10 22.60
N SER B 147 -26.08 -10.64 21.47
CA SER B 147 -24.70 -10.58 21.07
C SER B 147 -24.15 -9.18 21.08
N ALA B 148 -22.88 -9.05 21.50
CA ALA B 148 -22.15 -7.79 21.36
C ALA B 148 -21.52 -7.67 19.99
N GLY B 149 -21.88 -8.58 19.10
CA GLY B 149 -21.20 -8.70 17.83
C GLY B 149 -19.83 -9.30 17.99
N GLY B 150 -19.21 -9.60 16.86
CA GLY B 150 -17.82 -10.02 16.79
C GLY B 150 -17.38 -9.74 15.37
N SER B 151 -16.12 -10.02 15.12
CA SER B 151 -15.14 -10.54 16.02
C SER B 151 -14.65 -9.60 17.12
N SER B 152 -14.70 -8.30 16.88
CA SER B 152 -14.27 -7.33 17.90
C SER B 152 -15.41 -6.98 18.85
N GLY B 153 -16.07 -7.97 19.42
CA GLY B 153 -17.21 -7.66 20.26
C GLY B 153 -16.82 -7.14 21.62
N GLY B 154 -15.80 -7.69 22.24
CA GLY B 154 -15.39 -7.16 23.53
C GLY B 154 -15.07 -5.69 23.42
N ALA B 155 -14.45 -5.30 22.32
CA ALA B 155 -14.02 -3.92 22.16
C ALA B 155 -15.21 -2.99 22.01
N ALA B 156 -16.23 -3.40 21.26
CA ALA B 156 -17.40 -2.54 21.13
C ALA B 156 -18.16 -2.44 22.44
N ALA B 157 -18.18 -3.52 23.22
CA ALA B 157 -18.93 -3.50 24.47
C ALA B 157 -18.23 -2.63 25.51
N ALA B 158 -16.91 -2.73 25.59
CA ALA B 158 -16.16 -1.92 26.53
C ALA B 158 -16.29 -0.43 26.24
N LEU B 159 -16.38 -0.05 24.96
CA LEU B 159 -16.60 1.35 24.64
C LEU B 159 -18.03 1.78 24.99
N ALA B 160 -19.01 0.94 24.62
CA ALA B 160 -20.40 1.26 24.89
C ALA B 160 -20.67 1.42 26.38
N ALA B 161 -20.00 0.60 27.20
CA ALA B 161 -20.18 0.70 28.63
C ALA B 161 -19.35 1.80 29.25
N GLY B 162 -18.50 2.45 28.46
CA GLY B 162 -17.75 3.59 28.94
C GLY B 162 -16.48 3.25 29.65
N MET B 163 -15.98 2.02 29.50
CA MET B 163 -14.82 1.62 30.28
C MET B 163 -13.54 2.32 29.79
N VAL B 164 -13.30 2.33 28.49
CA VAL B 164 -12.15 3.06 27.95
C VAL B 164 -12.58 3.82 26.71
N PRO B 165 -11.82 4.85 26.32
CA PRO B 165 -12.23 5.74 25.24
C PRO B 165 -11.80 5.36 23.83
N LEU B 166 -10.93 4.37 23.68
CA LEU B 166 -10.36 4.02 22.39
C LEU B 166 -10.04 2.54 22.38
N GLU B 167 -10.09 1.94 21.20
CA GLU B 167 -9.89 0.50 21.03
C GLU B 167 -9.51 0.27 19.57
N TYR B 168 -8.95 -0.90 19.27
CA TYR B 168 -8.51 -1.21 17.92
C TYR B 168 -8.93 -2.63 17.61
N GLY B 169 -9.56 -2.84 16.45
CA GLY B 169 -10.07 -4.15 16.10
C GLY B 169 -9.52 -4.70 14.78
N SER B 170 -10.21 -5.69 14.21
CA SER B 170 -9.81 -6.32 12.95
C SER B 170 -11.08 -6.73 12.22
N ASP B 171 -11.00 -6.81 10.89
CA ASP B 171 -12.22 -6.98 10.08
C ASP B 171 -11.88 -7.67 8.77
N ILE B 172 -12.44 -8.87 8.55
CA ILE B 172 -12.29 -9.58 7.29
C ILE B 172 -13.68 -9.99 6.79
N GLY B 173 -14.66 -9.91 7.67
CA GLY B 173 -16.01 -10.36 7.37
C GLY B 173 -16.99 -9.52 8.16
N GLY B 174 -16.59 -8.28 8.44
CA GLY B 174 -17.43 -7.33 9.11
C GLY B 174 -17.10 -7.14 10.58
N SER B 175 -15.89 -7.47 10.98
CA SER B 175 -15.60 -7.63 12.41
C SER B 175 -15.29 -6.37 13.23
N ILE B 176 -15.31 -5.24 12.54
CA ILE B 176 -15.24 -3.94 13.17
C ILE B 176 -16.60 -3.28 12.99
N ARG B 177 -17.13 -3.39 11.78
CA ARG B 177 -18.38 -2.71 11.49
C ARG B 177 -19.53 -3.34 12.26
N VAL B 178 -19.59 -4.65 12.35
CA VAL B 178 -20.79 -5.24 12.94
C VAL B 178 -20.82 -4.98 14.44
N PRO B 179 -19.75 -5.22 15.19
CA PRO B 179 -19.79 -4.89 16.62
C PRO B 179 -20.10 -3.42 16.88
N ALA B 180 -19.49 -2.52 16.14
CA ALA B 180 -19.84 -1.11 16.29
C ALA B 180 -21.32 -0.88 16.03
N HIS B 181 -21.88 -1.59 15.05
CA HIS B 181 -23.30 -1.44 14.73
C HIS B 181 -24.16 -1.94 15.89
N PHE B 182 -23.85 -3.14 16.39
CA PHE B 182 -24.64 -3.79 17.42
C PHE B 182 -24.61 -3.02 18.74
N CYS B 183 -23.46 -2.42 19.06
CA CYS B 183 -23.29 -1.79 20.37
C CYS B 183 -23.39 -0.27 20.30
N GLY B 184 -23.66 0.28 19.13
CA GLY B 184 -23.92 1.70 19.07
C GLY B 184 -22.68 2.56 19.18
N VAL B 185 -21.54 2.08 18.71
CA VAL B 185 -20.31 2.87 18.76
C VAL B 185 -19.78 2.99 17.35
N TRP B 186 -18.60 3.62 17.21
CA TRP B 186 -18.05 4.00 15.93
C TRP B 186 -16.91 3.07 15.59
N GLY B 187 -16.90 2.53 14.38
CA GLY B 187 -15.84 1.62 14.00
C GLY B 187 -15.38 1.87 12.58
N LEU B 188 -14.06 1.88 12.36
CA LEU B 188 -13.53 2.18 11.03
C LEU B 188 -12.81 0.97 10.46
N LYS B 189 -13.45 0.33 9.50
CA LYS B 189 -12.75 -0.56 8.60
C LYS B 189 -11.88 0.29 7.69
N THR B 190 -10.56 0.07 7.74
CA THR B 190 -9.64 0.90 6.97
C THR B 190 -9.36 0.35 5.57
N THR B 191 -8.77 1.19 4.74
CA THR B 191 -8.40 0.75 3.41
C THR B 191 -7.46 -0.44 3.53
N PHE B 192 -7.68 -1.42 2.68
CA PHE B 192 -6.80 -2.59 2.66
C PHE B 192 -5.36 -2.17 2.49
N ASP B 193 -4.53 -2.58 3.45
CA ASP B 193 -3.10 -2.40 3.44
C ASP B 193 -2.67 -1.04 4.00
N ALA B 194 -3.61 -0.27 4.52
CA ALA B 194 -3.25 1.06 5.03
C ALA B 194 -2.62 1.00 6.40
N VAL B 195 -2.92 -0.05 7.18
CA VAL B 195 -2.39 -0.24 8.52
C VAL B 195 -1.72 -1.60 8.58
N SER B 196 -0.52 -1.64 9.15
CA SER B 196 0.21 -2.89 9.30
C SER B 196 -0.52 -3.88 10.18
N LEU B 197 -0.53 -5.14 9.73
CA LEU B 197 -1.08 -6.24 10.50
C LEU B 197 0.00 -7.04 11.21
N GLU B 198 1.22 -6.51 11.26
CA GLU B 198 2.29 -7.21 11.95
C GLU B 198 1.96 -7.22 13.42
N GLY B 199 1.81 -8.40 13.98
CA GLY B 199 1.38 -8.52 15.34
C GLY B 199 -0.04 -8.96 15.47
N HIS B 200 -0.76 -9.08 14.35
CA HIS B 200 -2.09 -9.69 14.28
C HIS B 200 -1.86 -11.04 13.60
N TYR B 201 -1.43 -12.00 14.39
CA TYR B 201 -0.88 -13.24 13.89
C TYR B 201 -1.67 -14.41 14.45
N LEU B 202 -2.07 -15.31 13.60
CA LEU B 202 -2.55 -16.58 14.15
C LEU B 202 -1.59 -16.97 15.27
N PRO B 203 -2.08 -17.41 16.43
CA PRO B 203 -1.15 -17.72 17.54
C PRO B 203 -0.04 -18.67 17.10
N ARG B 204 1.17 -18.31 17.46
CA ARG B 204 2.39 -19.08 17.20
C ARG B 204 2.84 -19.04 15.74
N THR B 205 2.35 -18.09 14.95
CA THR B 205 2.80 -17.86 13.60
C THR B 205 3.36 -16.44 13.53
N ASP B 206 4.04 -16.11 12.43
CA ASP B 206 4.59 -14.77 12.36
C ASP B 206 5.03 -14.32 10.98
N GLY B 207 4.08 -14.12 10.09
CA GLY B 207 4.32 -13.16 9.02
C GLY B 207 3.50 -13.53 7.82
N ALA B 208 2.82 -12.56 7.23
CA ALA B 208 1.72 -12.90 6.33
C ALA B 208 1.08 -11.62 5.86
N ARG B 209 0.00 -11.23 6.52
CA ARG B 209 -0.93 -10.25 5.98
C ARG B 209 -1.60 -10.93 4.79
N GLY B 210 -2.70 -11.61 5.02
CA GLY B 210 -3.44 -12.21 3.93
C GLY B 210 -4.35 -11.21 3.24
N GLU B 211 -5.06 -11.68 2.23
CA GLU B 211 -5.92 -10.76 1.52
C GLU B 211 -7.10 -10.37 2.40
N LEU B 212 -7.82 -9.35 1.94
CA LEU B 212 -9.12 -8.94 2.48
C LEU B 212 -9.05 -8.27 3.84
N GLY B 213 -8.37 -8.87 4.82
CA GLY B 213 -8.49 -8.40 6.19
C GLY B 213 -7.66 -7.17 6.51
N VAL B 214 -8.23 -6.32 7.39
CA VAL B 214 -7.60 -5.09 7.85
C VAL B 214 -7.74 -4.95 9.35
N VAL B 215 -6.97 -4.03 9.94
CA VAL B 215 -7.21 -3.56 11.30
C VAL B 215 -7.66 -2.12 11.22
N GLY B 216 -8.37 -1.68 12.27
CA GLY B 216 -8.81 -0.30 12.37
C GLY B 216 -9.30 0.12 13.75
N PRO B 217 -9.41 1.41 13.96
CA PRO B 217 -9.79 1.93 15.28
C PRO B 217 -11.29 1.89 15.51
N MET B 218 -11.64 1.97 16.80
CA MET B 218 -13.01 2.00 17.29
C MET B 218 -13.07 2.99 18.45
N ALA B 219 -14.17 3.71 18.55
CA ALA B 219 -14.26 4.76 19.55
C ALA B 219 -15.71 5.19 19.69
N ARG B 220 -15.96 6.17 20.55
CA ARG B 220 -17.30 6.68 20.75
C ARG B 220 -17.55 7.93 19.93
N ASN B 221 -16.57 8.42 19.19
CA ASN B 221 -16.73 9.64 18.42
C ASN B 221 -15.74 9.61 17.26
N PRO B 222 -15.99 10.41 16.21
CA PRO B 222 -15.12 10.37 15.03
C PRO B 222 -13.77 11.02 15.21
N GLN B 223 -13.66 12.01 16.08
CA GLN B 223 -12.37 12.69 16.27
C GLN B 223 -11.31 11.75 16.81
N ASP B 224 -11.70 10.84 17.72
CA ASP B 224 -10.75 9.86 18.22
C ASP B 224 -10.35 8.89 17.12
N LEU B 225 -11.29 8.51 16.26
CA LEU B 225 -10.93 7.63 15.14
C LEU B 225 -9.90 8.32 14.26
N ALA B 226 -10.16 9.56 13.88
CA ALA B 226 -9.26 10.27 13.00
C ALA B 226 -7.88 10.39 13.64
N LEU B 227 -7.82 10.58 14.96
CA LEU B 227 -6.52 10.61 15.63
C LEU B 227 -5.83 9.25 15.56
N ALA B 228 -6.54 8.21 15.94
CA ALA B 228 -5.93 6.89 16.00
C ALA B 228 -5.44 6.44 14.64
N LEU B 229 -6.20 6.72 13.61
CA LEU B 229 -5.76 6.39 12.25
C LEU B 229 -4.46 7.09 11.89
N ASP B 230 -4.35 8.38 12.21
CA ASP B 230 -3.14 9.13 11.91
C ASP B 230 -1.94 8.62 12.70
N LEU B 231 -2.16 8.03 13.86
CA LEU B 231 -1.04 7.49 14.62
C LEU B 231 -0.63 6.08 14.16
N THR B 232 -1.47 5.37 13.42
CA THR B 232 -1.22 3.97 13.14
C THR B 232 -1.07 3.57 11.67
N SER B 233 -1.42 4.44 10.71
CA SER B 233 -1.33 4.09 9.29
C SER B 233 0.15 4.02 8.89
N ARG B 234 0.48 3.19 7.90
CA ARG B 234 1.92 3.00 7.70
C ARG B 234 2.56 4.29 7.18
N ILE B 235 1.91 5.00 6.27
CA ILE B 235 2.25 6.38 5.97
C ILE B 235 1.00 7.22 6.28
N ALA B 236 1.16 8.54 6.17
CA ALA B 236 0.07 9.46 6.45
C ALA B 236 -0.89 9.46 5.27
N LEU B 237 -2.13 9.14 5.54
CA LEU B 237 -3.15 9.05 4.52
C LEU B 237 -3.62 10.43 4.11
N PRO B 238 -4.30 10.53 2.98
CA PRO B 238 -4.79 11.83 2.51
C PRO B 238 -5.80 12.40 3.48
N ILE B 239 -5.71 13.72 3.69
CA ILE B 239 -6.54 14.36 4.70
C ILE B 239 -7.95 14.42 4.12
N ALA B 240 -8.90 14.85 4.94
CA ALA B 240 -10.30 14.94 4.55
C ALA B 240 -10.53 16.12 3.60
N ARG B 241 -11.04 15.80 2.41
CA ARG B 241 -11.40 16.79 1.41
C ARG B 241 -12.71 17.49 1.73
N ILE B 242 -13.64 16.81 2.35
CA ILE B 242 -14.98 17.33 2.56
C ILE B 242 -14.99 18.25 3.77
N ASP B 243 -15.85 19.30 3.71
CA ASP B 243 -16.13 20.15 4.85
C ASP B 243 -17.62 20.49 5.05
N THR B 244 -18.52 19.95 4.24
CA THR B 244 -19.96 20.22 4.34
C THR B 244 -20.71 19.17 3.53
N LEU B 245 -21.93 18.88 3.95
CA LEU B 245 -22.77 17.97 3.17
C LEU B 245 -23.37 18.69 1.98
N ASN B 246 -23.04 19.96 1.82
CA ASN B 246 -23.55 20.73 0.70
C ASN B 246 -22.83 20.24 -0.56
N GLY B 247 -23.59 19.64 -1.48
CA GLY B 247 -23.03 19.12 -2.71
C GLY B 247 -22.66 17.66 -2.67
N LEU B 248 -22.57 17.08 -1.48
CA LEU B 248 -22.07 15.73 -1.33
C LEU B 248 -22.89 14.73 -2.12
N ARG B 249 -22.22 13.85 -2.84
CA ARG B 249 -22.88 12.91 -3.73
C ARG B 249 -22.92 11.58 -3.01
N ILE B 250 -24.06 11.29 -2.41
CA ILE B 250 -24.31 10.02 -1.74
C ILE B 250 -25.03 9.09 -2.70
N LEU B 251 -24.57 7.85 -2.80
CA LEU B 251 -25.38 6.77 -3.36
C LEU B 251 -25.99 5.96 -2.22
N LEU B 252 -27.31 6.00 -2.09
CA LEU B 252 -28.04 5.33 -1.00
C LEU B 252 -28.49 3.95 -1.45
N LEU B 253 -27.94 2.92 -0.80
CA LEU B 253 -28.28 1.53 -1.14
C LEU B 253 -28.93 0.85 0.05
N THR B 254 -30.24 0.65 -0.02
CA THR B 254 -31.00 0.03 1.05
C THR B 254 -31.48 -1.36 0.68
N HIS B 255 -31.12 -1.85 -0.50
CA HIS B 255 -31.47 -3.18 -0.97
C HIS B 255 -30.21 -3.89 -1.45
N HIS B 256 -30.17 -5.20 -1.25
CA HIS B 256 -29.08 -6.00 -1.75
C HIS B 256 -29.71 -7.25 -2.34
N PRO B 257 -29.36 -7.63 -3.57
CA PRO B 257 -29.99 -8.82 -4.19
C PRO B 257 -29.71 -10.12 -3.44
N ARG B 258 -28.81 -10.11 -2.47
CA ARG B 258 -28.41 -11.32 -1.77
C ARG B 258 -28.70 -11.30 -0.27
N ALA B 259 -29.36 -10.25 0.25
CA ALA B 259 -29.71 -10.22 1.65
C ALA B 259 -30.81 -9.21 1.91
N ALA B 260 -31.71 -9.58 2.81
CA ALA B 260 -32.76 -8.71 3.27
C ALA B 260 -32.24 -7.72 4.31
N ALA B 261 -33.06 -6.72 4.58
CA ALA B 261 -32.82 -5.78 5.67
C ALA B 261 -34.13 -5.54 6.38
N ASP B 262 -34.09 -5.45 7.71
CA ASP B 262 -35.31 -5.21 8.46
C ASP B 262 -35.86 -3.82 8.11
N SER B 263 -37.17 -3.66 8.33
CA SER B 263 -37.81 -2.37 8.08
C SER B 263 -37.18 -1.23 8.88
N ALA B 264 -36.80 -1.51 10.13
CA ALA B 264 -36.31 -0.45 11.00
C ALA B 264 -34.93 0.02 10.58
N VAL B 265 -34.14 -0.89 10.03
CA VAL B 265 -32.82 -0.57 9.52
C VAL B 265 -32.94 0.29 8.28
N VAL B 266 -33.61 -0.24 7.25
CA VAL B 266 -33.81 0.52 6.03
C VAL B 266 -34.29 1.93 6.36
N ALA B 267 -35.18 2.03 7.35
CA ALA B 267 -35.70 3.32 7.74
C ALA B 267 -34.61 4.20 8.33
N ALA B 268 -33.80 3.65 9.26
CA ALA B 268 -32.77 4.44 9.92
C ALA B 268 -31.74 4.94 8.93
N VAL B 269 -31.45 4.13 7.91
CA VAL B 269 -30.51 4.53 6.86
C VAL B 269 -31.13 5.61 5.98
N GLU B 270 -32.30 5.32 5.39
CA GLU B 270 -32.99 6.29 4.56
C GLU B 270 -33.04 7.64 5.25
N LYS B 271 -33.10 7.64 6.58
CA LYS B 271 -33.31 8.85 7.35
C LYS B 271 -32.01 9.61 7.60
N ALA B 272 -30.89 8.89 7.65
CA ALA B 272 -29.59 9.54 7.63
C ALA B 272 -29.38 10.23 6.29
N ALA B 273 -29.67 9.53 5.20
CA ALA B 273 -29.50 10.14 3.89
C ALA B 273 -30.41 11.36 3.70
N GLU B 274 -31.65 11.31 4.25
CA GLU B 274 -32.54 12.46 4.13
C GLU B 274 -32.00 13.65 4.91
N SER B 275 -31.50 13.41 6.13
CA SER B 275 -30.92 14.48 6.93
C SER B 275 -29.82 15.21 6.16
N CYS B 276 -28.98 14.46 5.47
CA CYS B 276 -27.97 15.07 4.61
C CYS B 276 -28.61 15.86 3.48
N ALA B 277 -29.63 15.31 2.85
CA ALA B 277 -30.22 15.98 1.69
C ALA B 277 -30.70 17.36 2.09
N ALA B 278 -31.21 17.50 3.32
CA ALA B 278 -31.67 18.80 3.76
C ALA B 278 -30.51 19.73 4.11
N GLN B 279 -29.27 19.24 4.15
CA GLN B 279 -28.12 20.12 4.28
C GLN B 279 -27.47 20.41 2.93
N GLY B 280 -28.11 19.99 1.84
CA GLY B 280 -27.63 20.22 0.49
C GLY B 280 -27.08 18.99 -0.22
N ALA B 281 -26.92 17.86 0.47
CA ALA B 281 -26.42 16.67 -0.19
C ALA B 281 -27.32 16.26 -1.34
N GLN B 282 -26.73 15.67 -2.37
CA GLN B 282 -27.45 15.14 -3.54
C GLN B 282 -27.40 13.62 -3.44
N VAL B 283 -28.57 13.03 -3.20
CA VAL B 283 -28.74 11.61 -2.94
C VAL B 283 -29.30 10.94 -4.18
N SER B 284 -28.75 9.78 -4.53
CA SER B 284 -29.22 8.94 -5.61
C SER B 284 -29.38 7.53 -5.08
N THR B 285 -30.17 6.73 -5.75
CA THR B 285 -30.51 5.40 -5.25
C THR B 285 -30.11 4.28 -6.20
N SER B 286 -29.64 4.63 -7.39
CA SER B 286 -29.19 3.63 -8.34
C SER B 286 -28.19 4.30 -9.25
N ASN B 287 -27.34 3.48 -9.86
CA ASN B 287 -26.42 4.03 -10.85
C ASN B 287 -25.88 2.91 -11.71
N ALA B 288 -25.90 3.11 -13.04
CA ALA B 288 -25.46 2.08 -13.98
C ALA B 288 -23.99 1.69 -13.81
N ASP B 289 -23.18 2.51 -13.13
CA ASP B 289 -21.77 2.20 -12.87
C ASP B 289 -21.58 1.39 -11.59
N LEU B 290 -22.65 0.88 -11.00
CA LEU B 290 -22.54 0.07 -9.79
C LEU B 290 -22.18 -1.36 -10.16
N PRO B 291 -21.09 -1.91 -9.64
CA PRO B 291 -20.76 -3.30 -9.99
C PRO B 291 -21.86 -4.22 -9.55
N ASP B 292 -22.05 -5.31 -10.31
CA ASP B 292 -22.97 -6.39 -9.98
C ASP B 292 -22.67 -6.93 -8.60
N LEU B 293 -23.53 -6.59 -7.62
CA LEU B 293 -23.26 -6.93 -6.22
C LEU B 293 -23.53 -8.40 -5.92
N SER B 294 -24.28 -9.08 -6.79
CA SER B 294 -24.49 -10.49 -6.54
C SER B 294 -23.24 -11.29 -6.88
N LYS B 295 -22.65 -11.01 -8.06
CA LYS B 295 -21.40 -11.66 -8.45
C LYS B 295 -20.31 -11.37 -7.44
N LEU B 296 -20.24 -10.13 -6.96
CA LEU B 296 -19.25 -9.74 -5.94
C LEU B 296 -19.36 -10.58 -4.68
N VAL B 297 -20.58 -10.89 -4.25
CA VAL B 297 -20.70 -11.71 -3.05
C VAL B 297 -20.22 -13.13 -3.32
N SER B 298 -20.38 -13.65 -4.53
CA SER B 298 -19.82 -14.95 -4.84
C SER B 298 -18.30 -14.89 -4.92
N ASP B 299 -17.76 -13.87 -5.61
CA ASP B 299 -16.31 -13.73 -5.71
C ASP B 299 -15.68 -13.58 -4.31
N TYR B 300 -16.28 -12.74 -3.47
CA TYR B 300 -15.78 -12.56 -2.11
C TYR B 300 -15.83 -13.84 -1.30
N THR B 301 -16.96 -14.52 -1.29
CA THR B 301 -17.04 -15.72 -0.48
C THR B 301 -15.99 -16.73 -0.93
N ARG B 302 -15.89 -16.96 -2.23
CA ARG B 302 -14.93 -17.93 -2.72
C ARG B 302 -13.54 -17.59 -2.22
N MET B 303 -13.12 -16.33 -2.39
CA MET B 303 -11.81 -15.90 -1.93
C MET B 303 -11.66 -16.05 -0.43
N LEU B 304 -12.70 -15.68 0.33
CA LEU B 304 -12.62 -15.72 1.78
C LEU B 304 -12.34 -17.13 2.29
N LEU B 305 -13.06 -18.12 1.75
CA LEU B 305 -12.86 -19.50 2.17
C LEU B 305 -11.43 -19.94 1.95
N ILE B 306 -10.85 -19.56 0.81
CA ILE B 306 -9.49 -19.98 0.51
C ILE B 306 -8.52 -19.25 1.41
N VAL B 307 -8.73 -17.95 1.62
CA VAL B 307 -7.83 -17.20 2.51
C VAL B 307 -7.82 -17.80 3.90
N LEU B 308 -9.00 -18.08 4.45
CA LEU B 308 -9.07 -18.60 5.81
C LEU B 308 -8.56 -20.02 5.94
N ALA B 309 -8.71 -20.84 4.89
CA ALA B 309 -8.15 -22.18 4.89
C ALA B 309 -6.65 -22.19 4.57
N GLN B 310 -6.03 -21.01 4.37
CA GLN B 310 -4.64 -20.90 3.97
C GLN B 310 -4.33 -21.77 2.75
N GLY B 311 -5.32 -21.91 1.86
CA GLY B 311 -5.10 -22.61 0.62
C GLY B 311 -5.13 -24.12 0.73
N LYS B 312 -5.44 -24.66 1.89
CA LYS B 312 -5.55 -26.10 2.09
C LYS B 312 -6.97 -26.58 1.77
N ALA B 313 -7.08 -27.86 1.43
CA ALA B 313 -8.34 -28.47 1.04
C ALA B 313 -8.72 -29.65 1.93
N PRO B 314 -10.02 -29.90 2.08
CA PRO B 314 -10.46 -31.13 2.77
C PRO B 314 -9.95 -32.35 2.03
N GLU B 315 -9.22 -33.20 2.74
CA GLU B 315 -8.90 -34.53 2.22
C GLU B 315 -9.97 -35.02 1.25
N GLY B 316 -9.56 -35.60 0.14
CA GLY B 316 -10.49 -36.03 -0.90
C GLY B 316 -10.77 -34.96 -1.92
N THR B 317 -11.00 -33.73 -1.47
CA THR B 317 -11.08 -32.60 -2.37
C THR B 317 -9.68 -32.17 -2.78
N GLU B 318 -9.57 -31.61 -4.01
CA GLU B 318 -8.38 -31.07 -4.66
C GLU B 318 -8.24 -29.59 -4.36
N PRO B 319 -7.07 -29.15 -3.92
CA PRO B 319 -6.92 -27.73 -3.60
C PRO B 319 -6.90 -26.85 -4.84
N VAL B 320 -7.21 -25.57 -4.62
CA VAL B 320 -7.06 -24.55 -5.67
C VAL B 320 -5.60 -24.45 -6.09
N SER B 321 -5.38 -24.21 -7.37
CA SER B 321 -4.03 -24.13 -7.91
C SER B 321 -3.52 -22.71 -7.75
N LEU B 322 -2.18 -22.58 -7.68
CA LEU B 322 -1.59 -21.25 -7.64
C LEU B 322 -2.00 -20.44 -8.86
N ASN B 323 -2.05 -21.07 -10.05
CA ASN B 323 -2.48 -20.32 -11.23
C ASN B 323 -3.91 -19.80 -11.07
N ALA B 324 -4.80 -20.66 -10.58
CA ALA B 324 -6.17 -20.27 -10.27
C ALA B 324 -6.23 -19.10 -9.29
N TRP B 325 -5.43 -19.17 -8.22
CA TRP B 325 -5.44 -18.10 -7.23
C TRP B 325 -5.07 -16.79 -7.87
N TYR B 326 -4.06 -16.80 -8.73
CA TYR B 326 -3.65 -15.58 -9.40
C TYR B 326 -4.78 -15.04 -10.26
N GLY B 327 -5.60 -15.94 -10.83
CA GLY B 327 -6.77 -15.51 -11.58
C GLY B 327 -7.85 -14.92 -10.71
N MET B 328 -8.04 -15.47 -9.49
CA MET B 328 -8.99 -14.89 -8.55
C MET B 328 -8.58 -13.47 -8.18
N LEU B 329 -7.27 -13.23 -8.06
CA LEU B 329 -6.82 -11.90 -7.74
C LEU B 329 -7.03 -10.99 -8.92
N ASP B 330 -7.07 -11.54 -10.13
CA ASP B 330 -7.35 -10.73 -11.29
C ASP B 330 -8.82 -10.31 -11.30
N ASP B 331 -9.74 -11.24 -11.04
CA ASP B 331 -11.14 -10.90 -10.76
C ASP B 331 -11.23 -9.75 -9.74
N GLN B 332 -10.65 -9.94 -8.56
CA GLN B 332 -10.70 -8.90 -7.55
C GLN B 332 -10.25 -7.57 -8.15
N ALA B 333 -9.19 -7.61 -8.96
CA ALA B 333 -8.68 -6.37 -9.54
C ALA B 333 -9.68 -5.75 -10.49
N ARG B 334 -10.34 -6.59 -11.30
CA ARG B 334 -11.31 -6.03 -12.26
C ARG B 334 -12.50 -5.45 -11.50
N THR B 335 -12.91 -6.09 -10.40
CA THR B 335 -14.01 -5.55 -9.61
C THR B 335 -13.63 -4.23 -8.96
N ILE B 336 -12.44 -4.16 -8.37
CA ILE B 336 -12.00 -2.90 -7.78
C ILE B 336 -12.04 -1.79 -8.82
N ARG B 337 -11.54 -2.06 -10.01
CA ARG B 337 -11.61 -1.04 -11.06
C ARG B 337 -13.05 -0.57 -11.26
N GLY B 338 -14.03 -1.45 -11.09
CA GLY B 338 -15.42 -1.04 -11.22
C GLY B 338 -15.86 -0.06 -10.16
N PHE B 339 -15.38 -0.23 -8.93
CA PHE B 339 -15.73 0.77 -7.92
C PHE B 339 -15.00 2.09 -8.13
N ASP B 340 -13.89 2.11 -8.87
CA ASP B 340 -13.26 3.40 -9.15
C ASP B 340 -14.12 4.24 -10.10
N ARG B 341 -14.75 3.58 -11.07
CA ARG B 341 -15.66 4.27 -11.98
C ARG B 341 -16.88 4.79 -11.23
N LEU B 342 -17.40 3.99 -10.29
CA LEU B 342 -18.54 4.42 -9.48
C LEU B 342 -18.20 5.68 -8.69
N PHE B 343 -17.04 5.71 -8.04
CA PHE B 343 -16.65 6.85 -7.19
C PHE B 343 -16.24 8.06 -7.99
N ASP B 344 -16.20 7.94 -9.32
CA ASP B 344 -16.09 9.13 -10.13
C ASP B 344 -17.41 9.87 -10.17
N SER B 345 -18.53 9.20 -9.83
CA SER B 345 -19.80 9.89 -9.72
C SER B 345 -20.24 10.14 -8.28
N PHE B 346 -19.64 9.47 -7.27
CA PHE B 346 -20.10 9.63 -5.90
C PHE B 346 -18.96 9.88 -4.92
N ASP B 347 -19.31 10.59 -3.84
CA ASP B 347 -18.38 10.80 -2.76
C ASP B 347 -18.50 9.72 -1.69
N ALA B 348 -19.67 9.11 -1.56
CA ALA B 348 -19.84 8.06 -0.57
C ALA B 348 -21.05 7.20 -0.90
N ILE B 349 -21.03 5.99 -0.37
CA ILE B 349 -22.17 5.09 -0.37
C ILE B 349 -22.67 4.93 1.05
N PHE B 350 -23.93 5.32 1.30
CA PHE B 350 -24.62 5.03 2.55
C PHE B 350 -25.41 3.74 2.42
N CYS B 351 -25.13 2.78 3.29
CA CYS B 351 -25.92 1.55 3.29
C CYS B 351 -25.94 0.90 4.67
N PRO B 352 -26.69 -0.19 4.84
CA PRO B 352 -26.72 -0.85 6.16
C PRO B 352 -25.43 -1.58 6.45
N VAL B 353 -25.13 -1.73 7.74
CA VAL B 353 -24.01 -2.56 8.13
C VAL B 353 -24.43 -4.02 8.13
N LEU B 354 -25.68 -4.26 8.47
CA LEU B 354 -26.25 -5.59 8.54
C LEU B 354 -27.76 -5.40 8.52
N GLY B 355 -28.46 -6.39 8.03
CA GLY B 355 -29.90 -6.26 7.95
C GLY B 355 -30.64 -6.37 9.26
N THR B 356 -29.95 -6.58 10.39
CA THR B 356 -30.64 -6.57 11.67
C THR B 356 -29.77 -5.94 12.73
N SER B 357 -30.42 -5.62 13.83
CA SER B 357 -29.74 -5.19 15.04
C SER B 357 -29.23 -6.43 15.76
N ALA B 358 -28.68 -6.24 16.96
CA ALA B 358 -28.05 -7.31 17.68
C ALA B 358 -29.02 -8.46 17.88
N PHE B 359 -28.55 -9.67 17.61
CA PHE B 359 -29.43 -10.81 17.73
C PHE B 359 -29.21 -11.56 19.03
N PRO B 360 -30.20 -12.36 19.45
CA PRO B 360 -30.05 -13.16 20.67
C PRO B 360 -28.88 -14.10 20.60
N HIS B 361 -28.34 -14.43 21.76
CA HIS B 361 -27.14 -15.28 21.79
C HIS B 361 -27.42 -16.59 21.10
N SER B 362 -26.43 -17.13 20.38
CA SER B 362 -26.61 -18.39 19.67
C SER B 362 -25.49 -19.38 19.98
N ASP B 363 -25.86 -20.48 20.59
CA ASP B 363 -24.93 -21.54 20.93
C ASP B 363 -24.58 -22.43 19.75
N GLU B 364 -25.13 -22.17 18.57
CA GLU B 364 -24.99 -23.07 17.43
C GLU B 364 -23.85 -22.61 16.56
N ALA B 365 -22.96 -23.54 16.22
CA ALA B 365 -21.74 -23.15 15.52
C ALA B 365 -21.87 -23.06 14.02
N ASP B 366 -22.79 -23.80 13.39
CA ASP B 366 -22.89 -23.83 11.93
C ASP B 366 -23.86 -22.73 11.51
N TRP B 367 -23.38 -21.79 10.70
CA TRP B 367 -24.19 -20.64 10.31
C TRP B 367 -25.38 -21.07 9.45
N GLY B 368 -25.28 -22.20 8.76
CA GLY B 368 -26.38 -22.66 7.94
C GLY B 368 -27.58 -23.15 8.71
N LYS B 369 -27.42 -23.31 10.03
CA LYS B 369 -28.51 -23.64 10.94
C LYS B 369 -29.09 -22.41 11.62
N ARG B 370 -28.39 -21.29 11.63
CA ARG B 370 -28.90 -20.11 12.31
C ARG B 370 -29.87 -19.36 11.41
N THR B 371 -30.84 -18.72 12.05
CA THR B 371 -31.78 -17.85 11.35
C THR B 371 -31.68 -16.46 11.97
N LEU B 372 -32.22 -15.50 11.22
CA LEU B 372 -32.30 -14.09 11.60
C LEU B 372 -33.72 -13.62 11.29
N THR B 373 -34.32 -12.91 12.21
CA THR B 373 -35.71 -12.45 12.05
C THR B 373 -35.68 -11.12 11.33
N ILE B 374 -36.21 -11.10 10.10
CA ILE B 374 -36.35 -9.88 9.32
C ILE B 374 -37.84 -9.69 9.07
N ASP B 375 -38.43 -8.67 9.69
CA ASP B 375 -39.81 -8.26 9.39
C ASP B 375 -40.82 -9.36 9.74
N GLY B 376 -40.54 -10.12 10.80
CA GLY B 376 -41.40 -11.19 11.27
C GLY B 376 -41.12 -12.55 10.68
N ALA B 377 -40.22 -12.65 9.72
CA ALA B 377 -39.92 -13.88 9.00
C ALA B 377 -38.51 -14.36 9.34
N ASP B 378 -38.30 -15.65 9.16
CA ASP B 378 -36.99 -16.24 9.36
C ASP B 378 -36.21 -16.12 8.06
N THR B 379 -34.96 -15.68 8.18
CA THR B 379 -34.09 -15.50 7.04
C THR B 379 -32.73 -16.12 7.32
N PRO B 380 -32.03 -16.54 6.28
CA PRO B 380 -30.71 -17.15 6.49
C PRO B 380 -29.70 -16.19 7.08
N PHE B 381 -28.98 -16.71 8.07
CA PHE B 381 -28.02 -15.92 8.82
C PHE B 381 -26.88 -15.50 7.92
N GLY B 382 -26.31 -16.45 7.16
CA GLY B 382 -25.08 -16.19 6.42
C GLY B 382 -25.25 -15.22 5.28
N SER B 383 -26.48 -15.02 4.80
CA SER B 383 -26.75 -14.08 3.72
C SER B 383 -26.32 -12.68 4.07
N GLN B 384 -26.35 -12.33 5.35
CA GLN B 384 -26.06 -10.96 5.77
C GLN B 384 -24.60 -10.59 5.53
N LEU B 385 -23.76 -11.54 5.11
CA LEU B 385 -22.43 -11.17 4.68
C LEU B 385 -22.46 -10.25 3.48
N ALA B 386 -23.59 -10.19 2.77
CA ALA B 386 -23.65 -9.36 1.57
C ALA B 386 -23.28 -7.92 1.86
N TRP B 387 -23.77 -7.38 2.97
CA TRP B 387 -23.62 -5.95 3.24
C TRP B 387 -22.18 -5.58 3.56
N ILE B 388 -21.41 -6.54 4.06
CA ILE B 388 -20.01 -6.40 4.47
C ILE B 388 -19.07 -6.55 3.30
N SER B 389 -19.53 -7.16 2.21
CA SER B 389 -18.63 -7.66 1.19
C SER B 389 -17.97 -6.54 0.42
N MET B 390 -18.73 -5.52 0.04
CA MET B 390 -18.22 -4.56 -0.93
C MET B 390 -16.91 -3.96 -0.44
N ALA B 391 -16.91 -3.36 0.75
CA ALA B 391 -15.70 -2.71 1.25
C ALA B 391 -14.56 -3.70 1.44
N THR B 392 -14.86 -4.90 1.93
CA THR B 392 -13.78 -5.86 2.21
C THR B 392 -13.16 -6.37 0.91
N TYR B 393 -13.97 -6.88 -0.01
CA TYR B 393 -13.40 -7.48 -1.22
C TYR B 393 -12.67 -6.47 -2.06
N CYS B 394 -13.18 -5.24 -2.14
CA CYS B 394 -12.58 -4.23 -2.98
C CYS B 394 -11.69 -3.28 -2.21
N GLY B 395 -11.62 -3.40 -0.89
CA GLY B 395 -10.61 -2.71 -0.15
C GLY B 395 -10.96 -1.32 0.31
N MET B 396 -12.18 -0.86 0.07
CA MET B 396 -12.54 0.49 0.43
C MET B 396 -12.57 0.61 1.93
N PRO B 397 -12.36 1.81 2.45
CA PRO B 397 -12.65 2.10 3.85
C PRO B 397 -14.14 2.22 4.03
N ALA B 398 -14.63 1.71 5.16
CA ALA B 398 -16.05 1.74 5.48
C ALA B 398 -16.19 2.06 6.94
N LEU B 399 -16.86 3.16 7.25
CA LEU B 399 -17.16 3.53 8.61
C LEU B 399 -18.50 2.94 9.05
N SER B 400 -18.57 2.54 10.32
CA SER B 400 -19.84 2.17 10.95
C SER B 400 -20.12 3.15 12.07
N MET B 401 -21.25 3.84 11.99
CA MET B 401 -21.59 4.89 12.94
C MET B 401 -23.02 4.75 13.42
N PRO B 402 -23.32 5.28 14.61
CA PRO B 402 -24.66 5.10 15.17
C PRO B 402 -25.63 6.11 14.58
N VAL B 403 -26.80 5.61 14.12
CA VAL B 403 -27.83 6.50 13.59
C VAL B 403 -29.22 6.26 14.16
N GLY B 404 -29.43 5.20 14.94
CA GLY B 404 -30.77 5.01 15.46
C GLY B 404 -30.91 3.81 16.37
N THR B 405 -32.14 3.59 16.82
CA THR B 405 -32.49 2.44 17.63
C THR B 405 -33.78 1.81 17.10
N ASP B 406 -33.84 0.47 17.19
CA ASP B 406 -35.03 -0.27 16.81
C ASP B 406 -36.09 -0.16 17.93
N ALA B 407 -37.21 -0.88 17.76
CA ALA B 407 -38.30 -0.81 18.73
C ALA B 407 -37.89 -1.26 20.13
N ASN B 408 -37.00 -2.26 20.23
CA ASN B 408 -36.50 -2.80 21.49
C ASN B 408 -35.36 -2.00 22.11
N GLY B 409 -34.91 -0.93 21.44
CA GLY B 409 -33.85 -0.11 21.96
C GLY B 409 -32.48 -0.45 21.45
N LEU B 410 -32.34 -1.54 20.71
CA LEU B 410 -31.03 -1.96 20.24
C LEU B 410 -30.49 -0.96 19.23
N PRO B 411 -29.19 -0.72 19.25
CA PRO B 411 -28.61 0.25 18.31
C PRO B 411 -28.70 -0.24 16.88
N ILE B 412 -28.77 0.75 15.99
CA ILE B 412 -28.68 0.55 14.55
C ILE B 412 -27.58 1.46 14.01
N GLY B 413 -26.74 0.90 13.16
CA GLY B 413 -25.67 1.69 12.58
C GLY B 413 -25.82 1.89 11.10
N LEU B 414 -25.09 2.87 10.58
CA LEU B 414 -25.01 3.19 9.17
C LEU B 414 -23.61 2.84 8.70
N GLN B 415 -23.49 2.29 7.50
CA GLN B 415 -22.19 2.00 6.91
C GLN B 415 -21.94 3.02 5.81
N ILE B 416 -20.86 3.81 5.96
CA ILE B 416 -20.45 4.80 4.98
C ILE B 416 -19.17 4.29 4.32
N ILE B 417 -19.23 4.11 3.00
CA ILE B 417 -18.12 3.62 2.22
C ILE B 417 -17.69 4.75 1.31
N THR B 418 -16.41 5.04 1.29
CA THR B 418 -15.83 6.05 0.43
C THR B 418 -14.74 5.37 -0.40
N ARG B 419 -14.09 6.16 -1.25
CA ARG B 419 -13.14 5.60 -2.22
C ARG B 419 -11.87 5.13 -1.51
N ASN B 420 -11.20 4.16 -2.13
CA ASN B 420 -9.96 3.63 -1.57
C ASN B 420 -9.01 4.77 -1.19
N TRP B 421 -8.51 4.75 0.06
CA TRP B 421 -7.49 5.64 0.68
C TRP B 421 -8.07 6.93 1.24
N SER B 422 -9.38 7.11 1.22
CA SER B 422 -10.00 8.31 1.76
C SER B 422 -10.58 8.05 3.14
N ASP B 423 -9.97 7.16 3.90
CA ASP B 423 -10.43 6.86 5.25
C ASP B 423 -10.88 8.11 5.99
N HIS B 424 -10.13 9.21 5.87
CA HIS B 424 -10.46 10.40 6.65
C HIS B 424 -11.73 11.06 6.17
N ASP B 425 -12.03 10.98 4.88
CA ASP B 425 -13.30 11.49 4.36
C ASP B 425 -14.46 10.66 4.87
N ALA B 426 -14.27 9.37 5.03
CA ALA B 426 -15.34 8.53 5.57
C ALA B 426 -15.65 8.94 7.00
N VAL B 427 -14.61 9.08 7.82
CA VAL B 427 -14.80 9.58 9.18
C VAL B 427 -15.48 10.95 9.14
N ARG B 428 -14.90 11.88 8.37
CA ARG B 428 -15.45 13.23 8.33
C ARG B 428 -16.89 13.21 7.87
N ILE B 429 -17.21 12.45 6.83
CA ILE B 429 -18.61 12.42 6.41
C ILE B 429 -19.47 11.92 7.56
N GLY B 430 -18.98 10.89 8.25
CA GLY B 430 -19.70 10.38 9.41
C GLY B 430 -19.92 11.45 10.46
N ALA B 431 -18.91 12.28 10.70
CA ALA B 431 -19.07 13.38 11.64
C ALA B 431 -20.16 14.34 11.19
N LEU B 432 -20.12 14.73 9.90
CA LEU B 432 -21.12 15.64 9.35
C LEU B 432 -22.51 15.04 9.40
N VAL B 433 -22.61 13.71 9.25
CA VAL B 433 -23.92 13.06 9.37
C VAL B 433 -24.44 13.16 10.78
N ALA B 434 -23.60 12.87 11.78
CA ALA B 434 -24.01 13.06 13.16
C ALA B 434 -24.65 14.42 13.38
N ASP B 435 -23.95 15.48 12.96
CA ASP B 435 -24.47 16.84 13.13
C ASP B 435 -25.80 17.02 12.42
N ALA B 436 -25.97 16.43 11.23
CA ALA B 436 -27.21 16.60 10.48
C ALA B 436 -28.39 15.98 11.21
N LEU B 437 -28.13 14.92 11.99
CA LEU B 437 -29.19 14.23 12.71
C LEU B 437 -29.54 14.96 14.02
N ALA B 438 -28.52 15.52 14.71
CA ALA B 438 -28.83 16.30 15.91
C ALA B 438 -29.61 17.56 15.55
N ALA B 439 -29.38 18.08 14.34
CA ALA B 439 -30.23 19.12 13.74
C ALA B 439 -31.56 18.50 13.31
#